data_5OKO
#
_entry.id   5OKO
#
_cell.length_a   44.035
_cell.length_b   81.118
_cell.length_c   128.900
_cell.angle_alpha   90.00
_cell.angle_beta   92.85
_cell.angle_gamma   90.00
#
_symmetry.space_group_name_H-M   'P 1 21 1'
#
loop_
_entity.id
_entity.type
_entity.pdbx_description
1 polymer 'Phosphatidylinositol 3,4,5-trisphosphate 5-phosphatase 2'
2 non-polymer 1,2-ETHANEDIOL
3 non-polymer 2-[3-(2-HYDROXY-1,1-DIHYDROXYMETHYL-ETHYLAMINO)-PROPYLAMINO]-2-HYDROXYMETHYL-PROPANE-1,3-DIOL
4 water water
#
_entity_poly.entity_id   1
_entity_poly.type   'polypeptide(L)'
_entity_poly.pdbx_seq_one_letter_code
;GPEPDMISVFIGTWNMGSVPPPKNVTSWFTSKGLGKTLDEVTVTIPHDIYVFGTQENSVGDREWLDLLRGGLKELTDLDY
RPIAMQSLWNIKVAVLVKPEHENRISHVSTSSVKTGIANTLGNKGAVGVSFMFNGTSFGFVNCHLTSGNEKTARRNQNYL
DILRLLSLGDRQLNADDISDRFTHLFWFGDLNYRLDMDIQEILNYISRKEFEPLLRVDQLNLEREKHKVFLRFSEEEISF
PPTYRYERGSRDTYAWHKQKPTGVRTNVPSWCDRILWKSYPETHIICNSYGCTDDIVTSDHSPVFGTFEVGVTSQFISKK
GLSKTSDQAYIEFESIEAIVKTASRTKFFIEFYSTCLEEYKKSFENDAQSSDNINFLKVQWSSRQLPTLKPILADIEYLQ
DQHLLLTVKSMDGYESYGECVVALKSMIGSTAQQFLTFLSHRGEETGNIRGSMKVRVPTER
;
_entity_poly.pdbx_strand_id   A,B
#
loop_
_chem_comp.id
_chem_comp.type
_chem_comp.name
_chem_comp.formula
B3P non-polymer 2-[3-(2-HYDROXY-1,1-DIHYDROXYMETHYL-ETHYLAMINO)-PROPYLAMINO]-2-HYDROXYMETHYL-PROPANE-1,3-DIOL 'C11 H26 N2 O6'
EDO non-polymer 1,2-ETHANEDIOL 'C2 H6 O2'
#
# COMPACT_ATOMS: atom_id res chain seq x y z
N GLY A 1 -2.21 5.44 28.86
CA GLY A 1 -2.93 6.51 29.56
C GLY A 1 -2.92 7.92 29.01
N PRO A 2 -1.92 8.33 28.17
CA PRO A 2 -1.96 9.76 27.75
C PRO A 2 -3.12 10.16 26.85
N GLU A 3 -3.68 9.18 26.13
CA GLU A 3 -4.78 9.48 25.19
C GLU A 3 -6.15 9.11 25.81
N PRO A 4 -7.25 9.61 25.20
CA PRO A 4 -8.58 9.33 25.77
C PRO A 4 -8.95 7.86 25.65
N ASP A 5 -9.48 7.30 26.73
CA ASP A 5 -10.06 5.95 26.74
C ASP A 5 -11.58 6.00 26.59
N MET A 6 -12.17 7.19 26.70
CA MET A 6 -13.60 7.39 26.81
C MET A 6 -13.95 8.80 26.36
N ILE A 7 -15.04 8.97 25.62
CA ILE A 7 -15.53 10.31 25.30
C ILE A 7 -17.04 10.42 25.55
N SER A 8 -17.52 11.67 25.56
CA SER A 8 -18.91 12.02 25.74
C SER A 8 -19.44 12.61 24.41
N VAL A 9 -20.46 11.96 23.83
CA VAL A 9 -21.06 12.33 22.53
C VAL A 9 -22.51 12.83 22.72
N PHE A 10 -22.81 14.04 22.25
CA PHE A 10 -24.17 14.57 22.19
C PHE A 10 -24.80 14.31 20.81
N ILE A 11 -26.01 13.79 20.79
CA ILE A 11 -26.80 13.67 19.53
C ILE A 11 -28.09 14.45 19.74
N GLY A 12 -28.42 15.35 18.83
CA GLY A 12 -29.74 16.02 18.81
C GLY A 12 -30.48 15.81 17.52
N THR A 13 -31.80 15.66 17.59
CA THR A 13 -32.64 15.62 16.40
C THR A 13 -33.84 16.57 16.59
N TRP A 14 -34.08 17.42 15.59
CA TRP A 14 -35.14 18.40 15.66
C TRP A 14 -35.74 18.69 14.27
N ASN A 15 -37.04 18.42 14.11
CA ASN A 15 -37.80 18.81 12.93
C ASN A 15 -38.23 20.26 13.23
N MET A 16 -37.65 21.19 12.47
CA MET A 16 -37.78 22.63 12.72
CA MET A 16 -37.80 22.63 12.71
C MET A 16 -39.07 23.24 12.13
N GLY A 17 -39.87 22.43 11.43
CA GLY A 17 -41.18 22.87 10.92
C GLY A 17 -41.16 24.01 9.94
N SER A 18 -40.06 24.12 9.19
CA SER A 18 -39.84 25.10 8.12
C SER A 18 -39.98 26.57 8.49
N VAL A 19 -39.65 26.89 9.74
CA VAL A 19 -39.67 28.28 10.19
C VAL A 19 -38.41 28.56 10.96
N PRO A 20 -38.04 29.85 11.11
CA PRO A 20 -36.77 30.14 11.82
C PRO A 20 -36.74 29.61 13.27
N PRO A 21 -35.57 29.20 13.76
CA PRO A 21 -35.51 28.75 15.16
C PRO A 21 -35.45 29.96 16.11
N PRO A 22 -35.71 29.75 17.40
CA PRO A 22 -35.53 30.84 18.36
C PRO A 22 -34.07 31.12 18.59
N LYS A 23 -33.72 32.34 18.98
CA LYS A 23 -32.34 32.67 19.32
C LYS A 23 -31.74 31.75 20.40
N ASN A 24 -32.52 31.43 21.42
CA ASN A 24 -32.07 30.59 22.53
C ASN A 24 -32.58 29.14 22.38
N VAL A 25 -31.66 28.23 22.04
CA VAL A 25 -31.91 26.77 22.06
C VAL A 25 -31.00 26.03 23.05
N THR A 26 -30.47 26.74 24.03
CA THR A 26 -29.55 26.18 25.05
C THR A 26 -30.04 24.90 25.73
N SER A 27 -31.33 24.82 26.01
CA SER A 27 -31.90 23.62 26.63
C SER A 27 -31.65 22.34 25.83
N TRP A 28 -31.66 22.45 24.51
CA TRP A 28 -31.41 21.33 23.62
C TRP A 28 -29.99 20.80 23.80
N PHE A 29 -29.02 21.71 23.69
CA PHE A 29 -27.56 21.42 23.89
C PHE A 29 -27.20 20.81 25.24
N THR A 30 -27.95 21.20 26.26
CA THR A 30 -27.64 20.84 27.64
C THR A 30 -28.55 19.74 28.21
N SER A 31 -29.36 19.07 27.38
CA SER A 31 -30.23 17.96 27.83
C SER A 31 -31.18 18.36 28.97
N LYS A 32 -31.78 19.54 28.84
CA LYS A 32 -32.73 20.07 29.85
C LYS A 32 -34.14 19.95 29.32
N GLY A 33 -35.04 19.39 30.14
CA GLY A 33 -36.44 19.24 29.75
C GLY A 33 -37.11 18.08 30.44
N LEU A 34 -37.61 17.15 29.63
CA LEU A 34 -38.41 16.04 30.12
C LEU A 34 -37.75 14.73 29.71
N GLY A 35 -37.98 13.70 30.52
CA GLY A 35 -37.41 12.36 30.31
C GLY A 35 -36.20 12.05 31.18
N LYS A 36 -35.17 11.44 30.57
CA LYS A 36 -33.89 11.21 31.26
C LYS A 36 -32.95 12.39 30.91
N THR A 37 -32.82 13.36 31.85
CA THR A 37 -32.20 14.66 31.58
C THR A 37 -30.92 14.90 32.41
N LEU A 38 -30.21 15.97 32.07
CA LEU A 38 -29.02 16.43 32.83
C LEU A 38 -29.27 17.77 33.56
N ASP A 39 -28.33 18.14 34.45
CA ASP A 39 -28.36 19.36 35.31
C ASP A 39 -27.61 20.56 34.78
N VAL A 43 -25.25 18.62 34.40
CA VAL A 43 -23.82 18.66 34.19
C VAL A 43 -23.36 19.82 33.28
N THR A 44 -22.38 20.56 33.78
CA THR A 44 -21.89 21.82 33.25
C THR A 44 -20.59 21.62 32.44
N ILE A 45 -20.34 20.38 32.02
CA ILE A 45 -19.09 19.91 31.44
C ILE A 45 -19.36 19.63 29.96
N PRO A 46 -18.79 20.43 29.04
CA PRO A 46 -19.10 20.30 27.60
C PRO A 46 -18.74 18.94 26.97
N HIS A 47 -19.55 18.48 26.03
CA HIS A 47 -19.30 17.19 25.36
C HIS A 47 -18.10 17.26 24.41
N ASP A 48 -17.52 16.10 24.13
CA ASP A 48 -16.39 15.99 23.23
C ASP A 48 -16.78 16.20 21.77
N ILE A 49 -17.94 15.68 21.40
CA ILE A 49 -18.51 15.79 20.04
C ILE A 49 -20.01 16.13 20.18
N TYR A 50 -20.49 17.07 19.36
CA TYR A 50 -21.92 17.38 19.24
C TYR A 50 -22.35 17.05 17.83
N VAL A 51 -23.35 16.18 17.69
CA VAL A 51 -23.97 15.89 16.41
C VAL A 51 -25.39 16.48 16.39
N PHE A 52 -25.67 17.35 15.43
CA PHE A 52 -27.00 17.95 15.27
C PHE A 52 -27.66 17.46 13.98
N GLY A 53 -28.80 16.78 14.08
CA GLY A 53 -29.61 16.37 12.93
C GLY A 53 -30.89 17.20 12.87
N THR A 54 -31.20 17.78 11.72
CA THR A 54 -32.43 18.54 11.58
C THR A 54 -33.20 18.13 10.34
N GLN A 55 -34.51 18.35 10.40
CA GLN A 55 -35.42 18.11 9.28
C GLN A 55 -36.30 19.36 9.12
N GLU A 56 -36.82 19.62 7.92
CA GLU A 56 -37.55 20.87 7.63
C GLU A 56 -36.79 22.13 8.13
N ASN A 57 -35.50 22.16 7.84
CA ASN A 57 -34.61 23.24 8.23
C ASN A 57 -34.48 24.19 7.04
N SER A 58 -35.08 25.37 7.17
CA SER A 58 -35.00 26.45 6.17
C SER A 58 -33.84 27.44 6.40
N VAL A 59 -32.99 27.20 7.39
CA VAL A 59 -31.79 28.04 7.55
C VAL A 59 -30.72 27.52 6.59
N GLY A 60 -30.02 28.43 5.92
CA GLY A 60 -28.89 28.09 5.05
C GLY A 60 -27.84 27.27 5.75
N ASP A 61 -27.11 26.46 4.98
CA ASP A 61 -26.11 25.55 5.55
C ASP A 61 -25.06 26.27 6.42
N ARG A 62 -24.48 27.33 5.86
CA ARG A 62 -23.45 28.12 6.54
C ARG A 62 -23.99 28.88 7.78
N GLU A 63 -25.14 29.53 7.61
CA GLU A 63 -25.78 30.25 8.72
C GLU A 63 -26.12 29.30 9.88
N TRP A 64 -26.66 28.12 9.55
CA TRP A 64 -27.01 27.10 10.55
C TRP A 64 -25.78 26.62 11.31
N LEU A 65 -24.70 26.34 10.59
CA LEU A 65 -23.44 25.98 11.23
C LEU A 65 -22.92 27.10 12.15
N ASP A 66 -22.97 28.36 11.67
CA ASP A 66 -22.62 29.52 12.50
C ASP A 66 -23.46 29.63 13.79
N LEU A 67 -24.77 29.36 13.69
CA LEU A 67 -25.64 29.36 14.89
C LEU A 67 -25.22 28.29 15.90
N LEU A 68 -24.89 27.11 15.37
CA LEU A 68 -24.44 26.00 16.23
C LEU A 68 -23.09 26.33 16.92
N ARG A 69 -22.11 26.82 16.16
CA ARG A 69 -20.80 27.20 16.75
C ARG A 69 -20.92 28.32 17.78
N GLY A 70 -21.72 29.34 17.46
CA GLY A 70 -21.94 30.49 18.33
C GLY A 70 -22.64 30.12 19.62
N GLY A 71 -23.65 29.25 19.53
CA GLY A 71 -24.34 28.74 20.70
C GLY A 71 -23.41 27.95 21.61
N LEU A 72 -22.58 27.08 21.02
CA LEU A 72 -21.57 26.33 21.83
C LEU A 72 -20.48 27.23 22.43
N LYS A 73 -20.02 28.21 21.66
CA LYS A 73 -19.08 29.21 22.14
C LYS A 73 -19.65 29.96 23.36
N GLU A 74 -20.91 30.38 23.26
CA GLU A 74 -21.60 31.04 24.38
C GLU A 74 -21.74 30.14 25.60
N LEU A 75 -22.07 28.86 25.39
CA LEU A 75 -22.23 27.92 26.49
C LEU A 75 -20.90 27.54 27.15
N THR A 76 -19.88 27.27 26.35
CA THR A 76 -18.68 26.58 26.82
C THR A 76 -17.40 27.41 26.81
N ASP A 77 -17.44 28.56 26.13
CA ASP A 77 -16.29 29.42 25.92
C ASP A 77 -15.20 28.78 25.00
N LEU A 78 -15.48 27.62 24.40
CA LEU A 78 -14.57 26.99 23.44
C LEU A 78 -15.09 27.20 22.02
N ASP A 79 -14.16 27.23 21.06
CA ASP A 79 -14.50 27.29 19.63
C ASP A 79 -14.50 25.87 19.03
N TYR A 80 -15.69 25.29 18.97
CA TYR A 80 -15.88 23.96 18.40
C TYR A 80 -15.67 23.99 16.88
N ARG A 81 -15.02 22.95 16.38
CA ARG A 81 -14.60 22.89 14.99
C ARG A 81 -15.55 21.97 14.22
N PRO A 82 -16.07 22.42 13.08
CA PRO A 82 -16.86 21.52 12.26
C PRO A 82 -15.99 20.42 11.65
N ILE A 83 -16.31 19.16 11.92
CA ILE A 83 -15.62 18.02 11.30
C ILE A 83 -16.22 17.85 9.91
N ALA A 84 -17.54 17.92 9.84
CA ALA A 84 -18.22 17.81 8.55
C ALA A 84 -19.68 18.18 8.70
N MET A 85 -20.29 18.51 7.56
CA MET A 85 -21.72 18.67 7.48
C MET A 85 -22.23 18.26 6.10
N GLN A 86 -23.45 17.74 6.08
CA GLN A 86 -24.08 17.23 4.87
C GLN A 86 -25.54 17.65 4.89
N SER A 87 -26.04 18.15 3.75
CA SER A 87 -27.42 18.54 3.59
C SER A 87 -28.03 17.82 2.40
N LEU A 88 -29.33 17.56 2.50
CA LEU A 88 -30.12 17.11 1.37
C LEU A 88 -31.32 18.06 1.37
N TRP A 89 -31.16 19.18 0.67
CA TRP A 89 -32.10 20.29 0.72
C TRP A 89 -32.35 20.70 2.21
N ASN A 90 -33.54 20.42 2.77
CA ASN A 90 -33.90 20.88 4.13
C ASN A 90 -33.63 19.84 5.26
N ILE A 91 -32.94 18.73 4.91
CA ILE A 91 -32.50 17.71 5.85
C ILE A 91 -30.99 17.91 6.01
N LYS A 92 -30.52 18.21 7.23
CA LYS A 92 -29.12 18.63 7.44
C LYS A 92 -28.52 18.03 8.71
N VAL A 93 -27.23 17.72 8.65
CA VAL A 93 -26.50 17.20 9.81
C VAL A 93 -25.15 17.89 9.91
N ALA A 94 -24.72 18.19 11.14
CA ALA A 94 -23.42 18.80 11.41
C ALA A 94 -22.77 18.08 12.60
N VAL A 95 -21.45 17.87 12.51
CA VAL A 95 -20.67 17.26 13.60
C VAL A 95 -19.63 18.27 14.01
N LEU A 96 -19.65 18.64 15.30
CA LEU A 96 -18.70 19.60 15.87
C LEU A 96 -17.90 18.96 17.00
N VAL A 97 -16.63 19.35 17.11
CA VAL A 97 -15.70 18.71 18.03
C VAL A 97 -14.86 19.73 18.77
N LYS A 98 -14.55 19.44 20.04
CA LYS A 98 -13.61 20.28 20.81
C LYS A 98 -12.31 20.46 20.03
N PRO A 99 -11.74 21.69 20.03
CA PRO A 99 -10.52 22.00 19.27
C PRO A 99 -9.41 20.98 19.45
N GLU A 100 -9.20 20.54 20.69
CA GLU A 100 -8.11 19.62 21.03
C GLU A 100 -8.20 18.26 20.33
N HIS A 101 -9.40 17.85 19.89
CA HIS A 101 -9.57 16.55 19.23
C HIS A 101 -9.35 16.58 17.72
N GLU A 102 -9.13 17.77 17.16
CA GLU A 102 -8.89 17.95 15.70
C GLU A 102 -7.99 16.87 15.12
N ASN A 103 -6.77 16.75 15.67
CA ASN A 103 -5.79 15.74 15.20
C ASN A 103 -6.10 14.27 15.51
N ARG A 104 -7.12 14.01 16.34
CA ARG A 104 -7.59 12.65 16.59
C ARG A 104 -8.57 12.16 15.52
N ILE A 105 -9.08 13.06 14.69
CA ILE A 105 -10.11 12.75 13.69
C ILE A 105 -9.47 12.44 12.36
N SER A 106 -9.93 11.37 11.72
CA SER A 106 -9.43 11.00 10.40
C SER A 106 -10.52 10.28 9.60
N HIS A 107 -10.25 10.07 8.31
CA HIS A 107 -11.12 9.27 7.43
C HIS A 107 -12.57 9.78 7.41
N VAL A 108 -12.71 11.09 7.31
CA VAL A 108 -14.00 11.76 7.35
C VAL A 108 -14.74 11.44 6.05
N SER A 109 -16.03 11.14 6.16
CA SER A 109 -16.81 10.78 4.98
C SER A 109 -18.21 11.31 5.14
N THR A 110 -18.86 11.64 4.01
CA THR A 110 -20.26 12.06 4.03
C THR A 110 -21.02 11.40 2.87
N SER A 111 -22.34 11.37 2.98
CA SER A 111 -23.18 10.73 1.99
C SER A 111 -24.63 11.12 2.24
N SER A 112 -25.46 10.99 1.21
CA SER A 112 -26.89 11.24 1.30
C SER A 112 -27.68 10.31 0.39
N VAL A 113 -28.96 10.15 0.71
CA VAL A 113 -29.89 9.28 -0.03
C VAL A 113 -31.26 9.96 -0.02
N LYS A 114 -31.80 10.26 -1.18
CA LYS A 114 -33.14 10.82 -1.29
C LYS A 114 -34.09 9.66 -1.53
N THR A 115 -35.13 9.49 -0.71
CA THR A 115 -36.10 8.38 -0.87
C THR A 115 -37.38 8.95 -1.49
N GLY A 122 -42.53 16.93 -1.32
CA GLY A 122 -42.03 16.36 -0.08
C GLY A 122 -40.57 16.04 -0.30
N ASN A 123 -39.72 16.32 0.70
CA ASN A 123 -38.30 15.95 0.67
C ASN A 123 -38.02 15.00 1.81
N LYS A 124 -37.75 13.75 1.46
CA LYS A 124 -37.51 12.69 2.42
C LYS A 124 -36.22 11.97 2.05
N GLY A 125 -35.55 11.46 3.07
CA GLY A 125 -34.29 10.77 2.86
C GLY A 125 -33.39 10.91 4.08
N ALA A 126 -32.09 10.83 3.82
CA ALA A 126 -31.10 10.81 4.88
C ALA A 126 -29.76 11.41 4.46
N VAL A 127 -29.05 11.94 5.47
CA VAL A 127 -27.72 12.48 5.34
C VAL A 127 -26.86 11.81 6.42
N GLY A 128 -25.60 11.56 6.08
CA GLY A 128 -24.70 10.87 7.00
C GLY A 128 -23.32 11.46 7.03
N VAL A 129 -22.67 11.28 8.20
CA VAL A 129 -21.27 11.62 8.44
C VAL A 129 -20.59 10.45 9.16
N SER A 130 -19.36 10.14 8.77
CA SER A 130 -18.54 9.13 9.47
C SER A 130 -17.09 9.60 9.58
N PHE A 131 -16.38 9.03 10.57
CA PHE A 131 -14.97 9.34 10.82
C PHE A 131 -14.39 8.37 11.84
N MET A 132 -13.08 8.36 11.96
CA MET A 132 -12.45 7.67 13.07
C MET A 132 -12.05 8.69 14.13
N PHE A 133 -12.12 8.26 15.39
CA PHE A 133 -11.64 9.01 16.54
C PHE A 133 -10.56 8.12 17.15
N ASN A 134 -9.30 8.50 16.99
CA ASN A 134 -8.18 7.60 17.16
C ASN A 134 -8.52 6.25 16.44
N GLY A 135 -8.48 5.12 17.14
CA GLY A 135 -8.75 3.81 16.54
C GLY A 135 -10.21 3.39 16.44
N THR A 136 -11.14 4.26 16.86
CA THR A 136 -12.55 3.90 16.97
C THR A 136 -13.34 4.65 15.89
N SER A 137 -14.17 3.92 15.13
CA SER A 137 -14.97 4.52 14.05
C SER A 137 -16.41 4.83 14.47
N PHE A 138 -16.94 5.94 13.95
CA PHE A 138 -18.27 6.42 14.27
C PHE A 138 -19.00 6.72 12.97
N GLY A 139 -20.28 6.33 12.93
CA GLY A 139 -21.21 6.77 11.88
C GLY A 139 -22.45 7.44 12.46
N PHE A 140 -22.95 8.50 11.80
CA PHE A 140 -24.14 9.25 12.23
C PHE A 140 -25.07 9.43 11.02
N VAL A 141 -26.28 8.90 11.11
CA VAL A 141 -27.29 9.00 10.05
C VAL A 141 -28.48 9.79 10.58
N ASN A 142 -28.79 10.89 9.92
CA ASN A 142 -29.94 11.76 10.22
C ASN A 142 -30.94 11.62 9.09
N CYS A 143 -32.19 11.31 9.42
CA CYS A 143 -33.20 11.01 8.39
C CYS A 143 -34.54 11.66 8.68
N HIS A 144 -35.33 11.75 7.60
CA HIS A 144 -36.73 12.13 7.60
C HIS A 144 -37.47 11.12 6.72
N LEU A 145 -38.19 10.19 7.36
CA LEU A 145 -38.93 9.14 6.68
C LEU A 145 -40.38 9.55 6.38
N THR A 146 -41.08 8.76 5.59
CA THR A 146 -42.47 9.11 5.14
C THR A 146 -43.48 9.41 6.26
N SER A 147 -44.31 10.44 6.06
CA SER A 147 -45.31 10.87 7.05
C SER A 147 -46.68 10.22 6.85
N GLY A 148 -47.46 10.12 7.93
CA GLY A 148 -48.87 9.64 7.91
C GLY A 148 -49.02 8.32 8.66
N ASN A 149 -50.09 8.21 9.46
CA ASN A 149 -50.32 7.03 10.34
C ASN A 149 -50.30 5.68 9.64
N GLU A 150 -50.90 5.65 8.45
CA GLU A 150 -51.06 4.42 7.63
C GLU A 150 -49.86 4.06 6.73
N LYS A 151 -48.79 4.85 6.75
CA LYS A 151 -47.69 4.68 5.80
C LYS A 151 -46.51 3.90 6.41
N THR A 152 -46.78 2.95 7.32
CA THR A 152 -45.71 2.17 7.99
C THR A 152 -44.85 1.41 6.96
N ALA A 153 -45.51 0.81 5.96
CA ALA A 153 -44.79 0.04 4.94
C ALA A 153 -43.85 0.91 4.14
N ARG A 154 -44.25 2.16 3.88
CA ARG A 154 -43.41 3.07 3.13
C ARG A 154 -42.21 3.55 3.95
N ARG A 155 -42.42 3.83 5.24
CA ARG A 155 -41.31 4.15 6.18
C ARG A 155 -40.27 3.03 6.23
N ASN A 156 -40.75 1.78 6.32
CA ASN A 156 -39.90 0.61 6.33
C ASN A 156 -39.08 0.52 5.04
N GLN A 157 -39.74 0.80 3.90
CA GLN A 157 -39.05 0.76 2.61
C GLN A 157 -38.03 1.91 2.50
N ASN A 158 -38.37 3.11 2.97
CA ASN A 158 -37.40 4.21 3.04
C ASN A 158 -36.15 3.80 3.87
N TYR A 159 -36.39 3.16 5.03
CA TYR A 159 -35.29 2.66 5.84
C TYR A 159 -34.38 1.71 5.05
N LEU A 160 -34.98 0.71 4.39
CA LEU A 160 -34.22 -0.28 3.63
C LEU A 160 -33.44 0.38 2.49
N ASP A 161 -34.04 1.35 1.81
CA ASP A 161 -33.35 2.06 0.70
C ASP A 161 -32.13 2.89 1.19
N ILE A 162 -32.31 3.60 2.31
CA ILE A 162 -31.21 4.34 2.95
C ILE A 162 -30.10 3.35 3.34
N LEU A 163 -30.45 2.25 3.99
CA LEU A 163 -29.47 1.25 4.42
C LEU A 163 -28.64 0.75 3.24
N ARG A 164 -29.34 0.39 2.17
CA ARG A 164 -28.72 -0.14 0.94
C ARG A 164 -27.86 0.88 0.19
N LEU A 165 -28.33 2.12 0.06
CA LEU A 165 -27.70 3.12 -0.81
C LEU A 165 -26.69 4.08 -0.14
N LEU A 166 -26.75 4.27 1.20
CA LEU A 166 -25.81 5.20 1.87
C LEU A 166 -24.36 4.77 1.66
N SER A 167 -23.54 5.66 1.14
CA SER A 167 -22.13 5.33 0.79
C SER A 167 -21.12 5.79 1.82
N LEU A 168 -21.48 5.79 3.10
CA LEU A 168 -20.58 6.23 4.16
C LEU A 168 -19.45 5.27 4.43
N GLY A 169 -18.26 5.83 4.66
CA GLY A 169 -17.12 5.07 5.18
C GLY A 169 -16.41 4.30 4.10
N ASP A 170 -15.96 3.08 4.43
CA ASP A 170 -15.32 2.15 3.50
C ASP A 170 -13.87 2.52 3.27
N ALA A 175 -17.32 -4.16 2.19
CA ALA A 175 -18.61 -4.49 2.81
C ALA A 175 -19.76 -4.25 1.84
N ASP A 176 -20.94 -4.76 2.21
CA ASP A 176 -22.16 -4.62 1.41
C ASP A 176 -23.03 -3.40 1.81
N ASP A 177 -23.28 -3.19 3.10
CA ASP A 177 -24.03 -1.99 3.56
C ASP A 177 -23.38 -1.35 4.80
N ILE A 178 -23.92 -0.26 5.30
CA ILE A 178 -23.31 0.47 6.42
C ILE A 178 -23.51 -0.17 7.81
N SER A 179 -24.44 -1.12 7.97
CA SER A 179 -24.79 -1.63 9.31
C SER A 179 -23.62 -2.18 10.13
N ASP A 180 -22.60 -2.75 9.47
CA ASP A 180 -21.41 -3.28 10.19
C ASP A 180 -20.10 -2.50 9.95
N ARG A 181 -20.17 -1.33 9.35
CA ARG A 181 -18.97 -0.59 8.96
C ARG A 181 -18.29 0.18 10.09
N PHE A 182 -19.02 0.47 11.16
CA PHE A 182 -18.55 1.38 12.21
C PHE A 182 -18.64 0.72 13.58
N THR A 183 -17.66 1.01 14.44
CA THR A 183 -17.71 0.56 15.84
C THR A 183 -19.03 0.97 16.50
N HIS A 184 -19.42 2.23 16.30
CA HIS A 184 -20.70 2.74 16.83
C HIS A 184 -21.44 3.48 15.72
N LEU A 185 -22.67 3.04 15.44
CA LEU A 185 -23.53 3.64 14.42
C LEU A 185 -24.76 4.24 15.09
N PHE A 186 -24.95 5.54 14.94
CA PHE A 186 -26.13 6.25 15.49
C PHE A 186 -27.05 6.60 14.30
N TRP A 187 -28.33 6.28 14.43
CA TRP A 187 -29.33 6.58 13.40
C TRP A 187 -30.47 7.29 14.11
N PHE A 188 -30.80 8.49 13.64
CA PHE A 188 -31.72 9.37 14.37
C PHE A 188 -32.48 10.23 13.37
N GLY A 189 -33.52 10.91 13.82
CA GLY A 189 -34.27 11.80 12.93
C GLY A 189 -35.74 11.85 13.22
N ASP A 190 -36.50 12.42 12.26
CA ASP A 190 -37.93 12.30 12.26
C ASP A 190 -38.22 11.01 11.51
N LEU A 191 -38.18 9.90 12.25
CA LEU A 191 -38.50 8.59 11.69
C LEU A 191 -39.99 8.49 11.35
N ASN A 192 -40.82 9.33 12.00
CA ASN A 192 -42.25 9.51 11.64
C ASN A 192 -43.21 8.33 11.97
N TYR A 193 -42.77 7.37 12.79
CA TYR A 193 -43.62 6.28 13.23
C TYR A 193 -44.61 6.78 14.28
N ARG A 194 -45.83 6.25 14.24
CA ARG A 194 -46.95 6.82 15.01
C ARG A 194 -47.53 5.84 16.02
N LEU A 195 -48.42 6.35 16.88
CA LEU A 195 -49.11 5.53 17.84
C LEU A 195 -50.34 4.88 17.20
N ASP A 196 -50.47 3.57 17.39
CA ASP A 196 -51.60 2.83 16.89
C ASP A 196 -52.70 2.74 17.96
N MET A 197 -53.43 3.85 18.13
CA MET A 197 -54.42 3.97 19.21
C MET A 197 -55.35 5.17 18.96
N ASP A 198 -56.56 5.06 19.50
CA ASP A 198 -57.56 6.12 19.43
C ASP A 198 -57.12 7.36 20.21
N ILE A 199 -57.42 8.54 19.66
CA ILE A 199 -57.07 9.83 20.27
C ILE A 199 -57.43 9.97 21.76
N GLN A 200 -58.63 9.52 22.15
CA GLN A 200 -59.11 9.69 23.53
C GLN A 200 -58.23 8.95 24.53
N GLU A 201 -57.96 7.67 24.25
CA GLU A 201 -57.04 6.84 25.04
C GLU A 201 -55.64 7.47 25.10
N ILE A 202 -55.13 7.92 23.94
CA ILE A 202 -53.80 8.55 23.91
C ILE A 202 -53.73 9.73 24.88
N LEU A 203 -54.69 10.65 24.77
CA LEU A 203 -54.69 11.85 25.60
C LEU A 203 -54.83 11.54 27.09
N ASN A 204 -55.62 10.52 27.43
CA ASN A 204 -55.77 10.08 28.84
C ASN A 204 -54.44 9.60 29.41
N TYR A 205 -53.73 8.75 28.68
CA TYR A 205 -52.44 8.23 29.12
C TYR A 205 -51.41 9.35 29.25
N ILE A 206 -51.43 10.30 28.31
CA ILE A 206 -50.49 11.43 28.35
C ILE A 206 -50.74 12.31 29.57
N SER A 207 -52.00 12.64 29.87
CA SER A 207 -52.31 13.45 31.06
C SER A 207 -51.91 12.79 32.38
N ARG A 208 -52.06 11.47 32.47
CA ARG A 208 -51.67 10.70 33.67
C ARG A 208 -50.17 10.34 33.70
N LYS A 209 -49.43 10.73 32.65
CA LYS A 209 -48.01 10.44 32.51
C LYS A 209 -47.72 8.93 32.54
N GLU A 210 -48.59 8.15 31.91
CA GLU A 210 -48.44 6.70 31.82
C GLU A 210 -48.07 6.39 30.38
N PHE A 211 -46.77 6.41 30.11
CA PHE A 211 -46.28 6.22 28.73
C PHE A 211 -46.17 4.74 28.32
N GLU A 212 -46.11 3.81 29.29
CA GLU A 212 -45.90 2.37 28.98
C GLU A 212 -46.99 1.78 28.05
N PRO A 213 -48.29 2.06 28.32
CA PRO A 213 -49.34 1.59 27.40
C PRO A 213 -49.30 2.21 25.99
N LEU A 214 -48.76 3.41 25.88
CA LEU A 214 -48.56 4.04 24.58
C LEU A 214 -47.39 3.41 23.81
N LEU A 215 -46.30 3.11 24.53
CA LEU A 215 -45.14 2.48 23.94
C LEU A 215 -45.43 1.08 23.41
N ARG A 216 -46.38 0.39 24.05
CA ARG A 216 -46.89 -0.90 23.55
C ARG A 216 -47.51 -0.85 22.13
N VAL A 217 -48.00 0.31 21.70
CA VAL A 217 -48.60 0.50 20.37
C VAL A 217 -47.82 1.46 19.47
N ASP A 218 -46.61 1.80 19.89
CA ASP A 218 -45.70 2.55 19.05
C ASP A 218 -45.29 1.72 17.83
N GLN A 219 -45.49 2.28 16.64
CA GLN A 219 -45.23 1.55 15.40
C GLN A 219 -43.74 1.19 15.20
N LEU A 220 -42.81 2.06 15.60
CA LEU A 220 -41.38 1.73 15.49
C LEU A 220 -41.02 0.52 16.35
N ASN A 221 -41.42 0.54 17.64
CA ASN A 221 -41.24 -0.64 18.53
C ASN A 221 -41.82 -1.92 17.88
N LEU A 222 -43.04 -1.84 17.32
CA LEU A 222 -43.68 -3.01 16.70
C LEU A 222 -42.93 -3.53 15.47
N GLU A 223 -42.50 -2.61 14.59
CA GLU A 223 -41.77 -3.03 13.38
C GLU A 223 -40.36 -3.59 13.71
N ARG A 224 -39.70 -3.03 14.73
CA ARG A 224 -38.45 -3.59 15.27
C ARG A 224 -38.64 -5.03 15.79
N GLU A 225 -39.72 -5.28 16.51
CA GLU A 225 -40.05 -6.63 17.01
C GLU A 225 -40.37 -7.65 15.91
N LYS A 226 -40.95 -7.18 14.83
CA LYS A 226 -41.16 -7.98 13.63
C LYS A 226 -39.88 -8.14 12.78
N HIS A 227 -38.77 -7.52 13.18
CA HIS A 227 -37.49 -7.61 12.45
C HIS A 227 -37.55 -7.09 11.00
N LYS A 228 -38.33 -6.03 10.80
CA LYS A 228 -38.44 -5.37 9.49
C LYS A 228 -37.42 -4.25 9.33
N VAL A 229 -37.14 -3.54 10.42
CA VAL A 229 -36.24 -2.40 10.43
C VAL A 229 -35.31 -2.41 11.65
N PHE A 230 -34.20 -1.68 11.53
CA PHE A 230 -33.25 -1.43 12.61
C PHE A 230 -32.80 -2.71 13.33
N LEU A 231 -32.39 -3.71 12.54
CA LEU A 231 -31.86 -4.94 13.10
C LEU A 231 -30.65 -4.58 13.94
N ARG A 232 -30.64 -5.11 15.17
CA ARG A 232 -29.51 -5.01 16.11
C ARG A 232 -29.41 -3.66 16.86
N PHE A 233 -30.28 -2.70 16.54
CA PHE A 233 -30.22 -1.36 17.16
C PHE A 233 -30.86 -1.37 18.55
N SER A 234 -30.39 -0.47 19.42
CA SER A 234 -31.01 -0.23 20.72
C SER A 234 -31.57 1.18 20.73
N GLU A 235 -32.54 1.40 21.62
CA GLU A 235 -33.03 2.72 21.95
C GLU A 235 -33.18 2.78 23.49
N GLU A 236 -32.82 3.89 24.12
CA GLU A 236 -33.04 4.05 25.55
C GLU A 236 -34.54 4.11 25.87
N GLU A 237 -34.94 3.68 27.07
CA GLU A 237 -36.35 3.77 27.51
C GLU A 237 -36.88 5.21 27.39
N ILE A 238 -38.07 5.38 26.82
CA ILE A 238 -38.70 6.69 26.66
C ILE A 238 -39.52 7.03 27.92
N SER A 239 -39.18 8.15 28.56
CA SER A 239 -39.90 8.62 29.75
C SER A 239 -40.40 10.07 29.56
N PHE A 240 -40.49 10.52 28.30
CA PHE A 240 -40.93 11.86 27.95
C PHE A 240 -42.15 11.74 27.02
N PRO A 241 -43.01 12.78 26.99
CA PRO A 241 -44.23 12.68 26.20
C PRO A 241 -44.00 12.81 24.68
N PRO A 242 -44.96 12.29 23.87
CA PRO A 242 -44.88 12.40 22.42
C PRO A 242 -44.49 13.80 21.96
N THR A 243 -43.50 13.85 21.06
CA THR A 243 -42.90 15.10 20.67
C THR A 243 -43.57 15.78 19.47
N TYR A 244 -44.60 15.13 18.91
CA TYR A 244 -45.39 15.61 17.75
C TYR A 244 -46.86 15.31 18.05
N ARG A 245 -47.84 16.10 17.59
CA ARG A 245 -47.69 17.36 16.89
C ARG A 245 -48.22 18.45 17.83
N TYR A 246 -47.39 19.45 18.13
CA TYR A 246 -47.74 20.55 19.03
C TYR A 246 -48.26 21.76 18.26
N GLU A 247 -49.20 22.49 18.87
CA GLU A 247 -49.47 23.87 18.45
C GLU A 247 -48.21 24.70 18.71
N ARG A 248 -47.91 25.63 17.81
CA ARG A 248 -46.74 26.50 17.93
C ARG A 248 -46.95 27.55 19.00
N GLY A 249 -45.84 27.96 19.63
CA GLY A 249 -45.86 29.00 20.67
C GLY A 249 -46.03 28.54 22.11
N SER A 250 -46.36 27.26 22.33
CA SER A 250 -46.37 26.64 23.67
C SER A 250 -46.28 25.12 23.52
N ARG A 251 -46.15 24.39 24.64
CA ARG A 251 -46.30 22.93 24.65
C ARG A 251 -47.53 22.49 25.46
N ASP A 252 -48.51 23.38 25.58
CA ASP A 252 -49.72 23.05 26.32
C ASP A 252 -50.69 22.19 25.54
N THR A 253 -50.62 22.24 24.21
CA THR A 253 -51.66 21.64 23.41
C THR A 253 -51.13 20.91 22.21
N TYR A 254 -51.65 19.72 22.00
CA TYR A 254 -51.40 18.95 20.80
C TYR A 254 -52.37 19.37 19.69
N ALA A 255 -51.85 19.64 18.50
CA ALA A 255 -52.68 19.90 17.32
C ALA A 255 -52.89 18.60 16.57
N TRP A 256 -53.98 17.92 16.90
CA TRP A 256 -54.28 16.59 16.39
C TRP A 256 -55.41 16.51 15.35
N HIS A 257 -56.14 17.62 15.15
CA HIS A 257 -57.20 17.73 14.13
C HIS A 257 -56.78 17.29 12.74
N THR A 266 -55.80 13.22 10.38
CA THR A 266 -55.72 13.26 11.84
C THR A 266 -54.33 12.84 12.29
N ASN A 267 -53.70 13.66 13.13
CA ASN A 267 -52.34 13.40 13.60
C ASN A 267 -52.32 13.19 15.11
N VAL A 268 -52.59 11.95 15.52
CA VAL A 268 -52.52 11.60 16.94
C VAL A 268 -51.11 11.88 17.43
N PRO A 269 -50.98 12.26 18.73
CA PRO A 269 -49.65 12.49 19.29
C PRO A 269 -48.77 11.25 19.16
N SER A 270 -47.51 11.44 18.76
CA SER A 270 -46.62 10.33 18.44
C SER A 270 -45.17 10.68 18.77
N TRP A 271 -44.38 9.64 19.01
CA TRP A 271 -42.94 9.78 19.19
C TRP A 271 -42.29 9.67 17.80
N CYS A 272 -42.40 10.75 17.03
CA CYS A 272 -41.81 10.81 15.69
C CYS A 272 -40.29 10.85 15.67
N ASP A 273 -39.72 11.39 16.75
CA ASP A 273 -38.37 11.90 16.78
C ASP A 273 -37.52 11.04 17.73
N ARG A 274 -36.59 10.29 17.15
CA ARG A 274 -35.92 9.17 17.84
C ARG A 274 -34.41 9.12 17.62
N ILE A 275 -33.72 8.56 18.62
CA ILE A 275 -32.29 8.24 18.54
C ILE A 275 -32.06 6.77 18.88
N LEU A 276 -31.44 6.05 17.92
CA LEU A 276 -31.05 4.65 18.08
C LEU A 276 -29.55 4.43 17.80
N TRP A 277 -29.02 3.35 18.35
CA TRP A 277 -27.61 3.01 18.11
C TRP A 277 -27.41 1.49 17.98
N LYS A 278 -26.32 1.15 17.28
CA LYS A 278 -25.85 -0.20 17.04
C LYS A 278 -24.33 -0.16 17.19
N SER A 279 -23.82 -0.96 18.11
CA SER A 279 -22.41 -1.02 18.44
C SER A 279 -21.81 -2.40 18.22
N TYR A 280 -20.52 -2.43 17.88
CA TYR A 280 -19.76 -3.68 17.88
C TYR A 280 -19.78 -4.36 19.24
N PRO A 281 -19.75 -5.73 19.25
CA PRO A 281 -19.75 -6.48 20.51
C PRO A 281 -18.57 -6.13 21.42
N GLU A 282 -18.84 -6.24 22.72
CA GLU A 282 -17.88 -6.02 23.79
C GLU A 282 -17.19 -4.65 23.72
N THR A 283 -17.97 -3.62 23.38
CA THR A 283 -17.52 -2.22 23.49
C THR A 283 -18.26 -1.56 24.65
N HIS A 284 -17.76 -0.43 25.10
CA HIS A 284 -18.38 0.36 26.17
C HIS A 284 -19.23 1.49 25.58
N ILE A 285 -20.54 1.44 25.82
CA ILE A 285 -21.42 2.58 25.50
C ILE A 285 -22.59 2.62 26.48
N ILE A 286 -22.83 3.80 27.07
CA ILE A 286 -23.84 3.99 28.10
C ILE A 286 -24.60 5.26 27.71
N CYS A 287 -25.91 5.15 27.63
CA CYS A 287 -26.76 6.33 27.44
C CYS A 287 -26.94 7.14 28.75
N ASN A 288 -26.44 8.38 28.77
CA ASN A 288 -26.52 9.23 29.97
C ASN A 288 -27.77 10.14 30.02
N SER A 289 -28.35 10.44 28.85
CA SER A 289 -29.59 11.20 28.76
C SER A 289 -30.34 10.86 27.46
N TYR A 290 -31.65 11.01 27.53
CA TYR A 290 -32.56 10.82 26.41
C TYR A 290 -33.88 11.45 26.79
N GLY A 291 -34.24 12.51 26.08
CA GLY A 291 -35.39 13.33 26.40
C GLY A 291 -35.66 14.41 25.38
N CYS A 292 -36.60 15.29 25.72
CA CYS A 292 -36.99 16.38 24.84
C CYS A 292 -37.01 17.67 25.63
N THR A 293 -36.90 18.79 24.92
CA THR A 293 -37.02 20.10 25.57
C THR A 293 -38.50 20.41 25.67
N ASP A 294 -38.84 21.33 26.56
CA ASP A 294 -40.22 21.85 26.65
C ASP A 294 -40.32 23.38 26.59
N ASP A 295 -39.22 24.04 26.23
CA ASP A 295 -39.14 25.49 26.17
C ASP A 295 -38.72 26.00 24.79
N ILE A 296 -38.76 25.14 23.77
CA ILE A 296 -38.44 25.51 22.40
C ILE A 296 -39.71 25.24 21.60
N VAL A 297 -40.37 26.31 21.15
CA VAL A 297 -41.76 26.21 20.67
C VAL A 297 -42.06 26.78 19.27
N THR A 298 -41.03 27.03 18.47
CA THR A 298 -41.21 27.54 17.10
C THR A 298 -41.79 26.49 16.16
N SER A 299 -41.58 25.21 16.45
CA SER A 299 -41.95 24.12 15.55
C SER A 299 -43.10 23.31 16.11
N ASP A 300 -43.76 22.52 15.28
CA ASP A 300 -44.74 21.53 15.77
C ASP A 300 -44.11 20.25 16.39
N HIS A 301 -42.79 20.12 16.34
CA HIS A 301 -42.05 19.08 17.04
C HIS A 301 -41.21 19.70 18.17
N SER A 302 -41.01 18.96 19.24
CA SER A 302 -40.04 19.34 20.25
C SER A 302 -38.68 18.71 19.90
N PRO A 303 -37.58 19.46 20.12
CA PRO A 303 -36.25 18.85 19.94
C PRO A 303 -36.03 17.67 20.90
N VAL A 304 -35.22 16.71 20.45
CA VAL A 304 -34.88 15.52 21.24
C VAL A 304 -33.37 15.48 21.36
N PHE A 305 -32.89 15.15 22.55
CA PHE A 305 -31.46 15.02 22.83
C PHE A 305 -31.15 13.62 23.35
N GLY A 306 -29.94 13.16 23.08
CA GLY A 306 -29.40 11.96 23.72
C GLY A 306 -27.90 12.12 23.91
N THR A 307 -27.36 11.66 25.03
CA THR A 307 -25.91 11.73 25.29
C THR A 307 -25.39 10.37 25.68
N PHE A 308 -24.15 10.08 25.27
CA PHE A 308 -23.57 8.78 25.43
C PHE A 308 -22.10 8.88 25.91
N GLU A 309 -21.76 8.08 26.90
CA GLU A 309 -20.39 7.80 27.21
C GLU A 309 -19.94 6.64 26.32
N VAL A 310 -18.85 6.85 25.55
CA VAL A 310 -18.39 5.85 24.55
C VAL A 310 -16.89 5.58 24.66
N GLY A 311 -16.54 4.29 24.75
CA GLY A 311 -15.13 3.87 24.77
C GLY A 311 -14.44 4.21 23.47
N VAL A 312 -13.17 4.58 23.58
CA VAL A 312 -12.31 4.92 22.47
C VAL A 312 -10.98 4.17 22.67
N THR A 313 -10.44 3.62 21.58
CA THR A 313 -9.15 2.89 21.64
C THR A 313 -8.08 3.75 21.01
N SER A 314 -7.02 3.94 21.79
CA SER A 314 -5.86 4.70 21.39
C SER A 314 -4.62 3.81 21.60
N GLN A 315 -4.80 2.49 21.59
CA GLN A 315 -3.72 1.52 21.87
C GLN A 315 -2.68 1.49 20.74
N PHE A 316 -3.14 1.53 19.49
CA PHE A 316 -2.25 1.67 18.30
C PHE A 316 -1.38 2.92 18.40
N ILE A 317 -2.00 4.05 18.77
CA ILE A 317 -1.30 5.32 18.98
C ILE A 317 -0.34 5.27 20.17
N SER A 318 -0.86 4.87 21.33
CA SER A 318 -0.09 4.88 22.59
C SER A 318 1.09 3.90 22.52
N GLN A 328 5.62 -10.61 16.63
CA GLN A 328 4.69 -11.55 15.99
C GLN A 328 3.42 -11.85 16.81
N ALA A 329 2.26 -11.54 16.23
CA ALA A 329 0.97 -11.93 16.80
C ALA A 329 0.19 -12.68 15.74
N TYR A 330 -0.62 -13.66 16.16
CA TYR A 330 -1.36 -14.52 15.25
C TYR A 330 -2.75 -14.79 15.76
N ILE A 331 -3.72 -14.76 14.84
CA ILE A 331 -5.10 -15.14 15.13
C ILE A 331 -5.36 -16.44 14.37
N GLU A 332 -5.72 -17.48 15.11
CA GLU A 332 -5.88 -18.82 14.55
C GLU A 332 -7.28 -19.36 14.83
N PHE A 333 -7.76 -20.21 13.92
CA PHE A 333 -9.11 -20.78 14.00
C PHE A 333 -8.99 -22.28 13.98
N GLU A 334 -9.61 -22.97 14.95
CA GLU A 334 -9.65 -24.43 14.96
C GLU A 334 -10.80 -24.98 14.11
N SER A 335 -11.94 -24.26 14.10
CA SER A 335 -13.09 -24.61 13.26
C SER A 335 -14.11 -23.49 13.25
N ILE A 336 -14.94 -23.46 12.20
CA ILE A 336 -16.08 -22.56 12.11
C ILE A 336 -17.27 -23.37 11.55
N GLU A 337 -18.45 -23.09 12.10
CA GLU A 337 -19.71 -23.69 11.69
C GLU A 337 -20.71 -22.54 11.50
N ALA A 338 -21.25 -22.43 10.28
CA ALA A 338 -22.28 -21.41 9.98
C ALA A 338 -23.61 -22.08 9.69
N ILE A 339 -24.68 -21.44 10.13
CA ILE A 339 -26.03 -21.84 9.79
C ILE A 339 -26.52 -20.71 8.90
N VAL A 340 -26.81 -21.01 7.63
CA VAL A 340 -27.03 -20.01 6.60
C VAL A 340 -28.40 -20.20 5.95
N LYS A 341 -29.15 -19.11 5.80
CA LYS A 341 -30.46 -19.14 5.15
C LYS A 341 -30.31 -19.30 3.64
N THR A 342 -30.53 -20.51 3.16
CA THR A 342 -30.34 -20.86 1.74
C THR A 342 -30.74 -22.34 1.51
N ALA A 343 -31.07 -22.69 0.26
CA ALA A 343 -31.15 -24.11 -0.18
C ALA A 343 -30.12 -24.45 -1.27
N SER A 344 -29.15 -23.56 -1.49
CA SER A 344 -28.08 -23.74 -2.47
C SER A 344 -27.21 -24.98 -2.17
N ARG A 345 -26.80 -25.69 -3.22
CA ARG A 345 -25.80 -26.77 -3.13
C ARG A 345 -24.37 -26.33 -3.51
N THR A 346 -24.13 -25.04 -3.63
CA THR A 346 -22.80 -24.50 -3.84
C THR A 346 -21.95 -24.60 -2.56
N LYS A 347 -20.63 -24.53 -2.74
CA LYS A 347 -19.70 -24.42 -1.61
C LYS A 347 -19.60 -22.95 -1.15
N PHE A 348 -19.09 -22.75 0.06
CA PHE A 348 -18.98 -21.43 0.67
C PHE A 348 -17.58 -21.17 1.19
N PHE A 349 -17.17 -19.90 1.24
CA PHE A 349 -15.93 -19.49 1.88
C PHE A 349 -16.16 -18.26 2.76
N ILE A 350 -15.18 -17.99 3.62
CA ILE A 350 -15.26 -16.84 4.53
C ILE A 350 -14.16 -15.85 4.21
N GLU A 351 -14.51 -14.55 4.14
CA GLU A 351 -13.54 -13.46 4.07
C GLU A 351 -13.47 -12.80 5.45
N PHE A 352 -12.25 -12.47 5.88
CA PHE A 352 -11.94 -11.88 7.18
C PHE A 352 -11.33 -10.50 7.00
N TYR A 353 -12.04 -9.45 7.43
CA TYR A 353 -11.58 -8.04 7.33
C TYR A 353 -11.37 -7.43 8.73
N SER A 354 -10.38 -6.55 8.84
CA SER A 354 -10.17 -5.75 10.07
C SER A 354 -9.17 -4.64 9.81
N THR A 355 -9.37 -3.55 10.54
CA THR A 355 -8.41 -2.43 10.58
C THR A 355 -7.06 -2.87 11.17
N CYS A 356 -7.05 -3.91 12.01
CA CYS A 356 -5.77 -4.43 12.50
C CYS A 356 -4.97 -5.29 11.51
N LEU A 357 -5.49 -5.54 10.31
CA LEU A 357 -4.80 -6.33 9.27
C LEU A 357 -4.37 -5.46 8.09
N GLU A 358 -3.22 -5.75 7.52
CA GLU A 358 -2.73 -5.08 6.29
C GLU A 358 -3.66 -5.28 5.08
N GLU A 359 -4.20 -6.50 4.95
CA GLU A 359 -5.23 -6.77 3.94
C GLU A 359 -6.06 -7.98 4.37
N TYR A 360 -7.21 -8.14 3.74
CA TYR A 360 -8.12 -9.19 4.13
C TYR A 360 -7.58 -10.59 3.76
N LYS A 361 -8.12 -11.59 4.44
CA LYS A 361 -7.76 -12.98 4.23
C LYS A 361 -9.01 -13.74 3.88
N LYS A 362 -8.86 -14.91 3.30
CA LYS A 362 -10.00 -15.76 3.03
C LYS A 362 -9.75 -17.25 3.25
N SER A 363 -10.84 -17.95 3.56
CA SER A 363 -10.78 -19.40 3.76
C SER A 363 -10.84 -20.10 2.42
N PHE A 364 -10.57 -21.40 2.47
CA PHE A 364 -10.94 -22.30 1.41
C PHE A 364 -12.44 -22.63 1.54
N GLU A 365 -12.94 -23.41 0.59
CA GLU A 365 -14.31 -23.89 0.64
C GLU A 365 -14.59 -24.75 1.89
N ASN A 366 -15.83 -24.70 2.38
CA ASN A 366 -16.28 -25.58 3.47
C ASN A 366 -16.03 -27.06 3.13
N ASP A 367 -15.63 -27.86 4.12
CA ASP A 367 -15.34 -29.27 3.88
C ASP A 367 -16.36 -30.25 4.49
N ALA A 368 -17.43 -29.72 5.08
CA ALA A 368 -18.60 -30.50 5.44
C ALA A 368 -19.83 -29.61 5.32
N GLN A 369 -20.97 -30.25 5.09
CA GLN A 369 -22.22 -29.56 4.89
C GLN A 369 -23.38 -30.52 5.21
N SER A 370 -24.49 -29.97 5.68
CA SER A 370 -25.70 -30.75 5.99
C SER A 370 -26.92 -29.83 6.11
N SER A 371 -28.10 -30.44 6.17
CA SER A 371 -29.38 -29.72 6.37
C SER A 371 -29.60 -29.39 7.84
N ASP A 372 -29.77 -28.11 8.19
CA ASP A 372 -30.12 -27.73 9.56
C ASP A 372 -31.64 -27.74 9.75
N ASN A 373 -32.33 -26.98 8.90
CA ASN A 373 -33.81 -26.87 8.86
C ASN A 373 -34.22 -26.89 7.39
N ILE A 374 -35.53 -26.87 7.15
CA ILE A 374 -36.07 -26.62 5.81
C ILE A 374 -35.58 -25.31 5.15
N ASN A 375 -35.27 -24.28 5.93
CA ASN A 375 -34.78 -23.02 5.33
C ASN A 375 -33.27 -22.72 5.50
N PHE A 376 -32.55 -23.62 6.18
CA PHE A 376 -31.17 -23.32 6.59
C PHE A 376 -30.25 -24.51 6.29
N LEU A 377 -29.02 -24.23 5.82
CA LEU A 377 -27.97 -25.23 5.69
C LEU A 377 -26.88 -25.00 6.74
N LYS A 378 -26.25 -26.10 7.15
CA LYS A 378 -25.13 -26.08 8.08
C LYS A 378 -23.88 -26.32 7.26
N VAL A 379 -22.92 -25.41 7.34
CA VAL A 379 -21.65 -25.53 6.63
C VAL A 379 -20.51 -25.36 7.63
N GLN A 380 -19.48 -26.17 7.43
CA GLN A 380 -18.42 -26.34 8.41
C GLN A 380 -17.07 -26.29 7.71
N TRP A 381 -16.13 -25.59 8.35
CA TRP A 381 -14.74 -25.47 7.92
C TRP A 381 -13.87 -26.02 9.05
N SER A 382 -13.12 -27.10 8.78
CA SER A 382 -12.08 -27.58 9.72
C SER A 382 -10.86 -26.63 9.66
N SER A 383 -9.91 -26.83 10.58
CA SER A 383 -8.76 -25.92 10.69
C SER A 383 -7.94 -25.84 9.42
N ARG A 384 -7.83 -26.97 8.70
CA ARG A 384 -7.18 -27.06 7.39
C ARG A 384 -7.64 -26.02 6.35
N GLN A 385 -8.91 -25.68 6.39
CA GLN A 385 -9.52 -24.76 5.43
C GLN A 385 -9.40 -23.29 5.81
N LEU A 386 -8.90 -22.97 7.00
CA LEU A 386 -8.96 -21.60 7.55
C LEU A 386 -7.59 -20.91 7.59
N PRO A 387 -7.56 -19.57 7.36
CA PRO A 387 -6.32 -18.81 7.36
C PRO A 387 -5.83 -18.48 8.76
N THR A 388 -4.58 -18.05 8.80
CA THR A 388 -3.95 -17.51 9.99
C THR A 388 -3.82 -16.01 9.74
N LEU A 389 -4.39 -15.20 10.62
CA LEU A 389 -4.36 -13.75 10.47
C LEU A 389 -3.18 -13.20 11.26
N LYS A 390 -2.55 -12.14 10.73
CA LYS A 390 -1.36 -11.54 11.32
C LYS A 390 -1.59 -10.05 11.55
N PRO A 391 -2.01 -9.68 12.77
CA PRO A 391 -2.20 -8.29 13.13
C PRO A 391 -1.01 -7.37 12.91
N ILE A 392 -1.32 -6.07 12.80
CA ILE A 392 -0.35 -5.02 12.54
C ILE A 392 0.60 -4.79 13.73
N LEU A 393 0.10 -4.95 14.95
CA LEU A 393 0.89 -4.82 16.16
C LEU A 393 0.66 -6.04 17.04
N ALA A 394 1.70 -6.44 17.76
CA ALA A 394 1.63 -7.58 18.66
C ALA A 394 1.13 -7.27 20.09
N ASP A 395 0.95 -6.00 20.47
CA ASP A 395 0.58 -5.69 21.86
C ASP A 395 -0.76 -6.32 22.28
N ILE A 396 -0.81 -6.86 23.50
CA ILE A 396 -2.02 -7.52 24.02
C ILE A 396 -3.19 -6.52 24.24
N GLU A 397 -2.93 -5.36 24.84
CA GLU A 397 -4.00 -4.35 25.07
C GLU A 397 -4.59 -3.83 23.76
N TYR A 398 -3.71 -3.56 22.78
CA TYR A 398 -4.12 -3.24 21.40
C TYR A 398 -5.06 -4.27 20.83
N LEU A 399 -4.58 -5.51 20.77
CA LEU A 399 -5.37 -6.57 20.18
C LEU A 399 -6.71 -6.80 20.87
N GLN A 400 -6.76 -6.57 22.16
CA GLN A 400 -7.98 -6.73 22.95
C GLN A 400 -9.11 -5.78 22.48
N ASP A 401 -8.77 -4.63 21.92
CA ASP A 401 -9.76 -3.65 21.43
C ASP A 401 -10.19 -3.87 19.97
N GLN A 402 -9.70 -4.90 19.29
CA GLN A 402 -9.98 -5.08 17.85
C GLN A 402 -11.18 -5.95 17.60
N HIS A 403 -11.66 -5.87 16.36
CA HIS A 403 -12.81 -6.62 15.87
C HIS A 403 -12.55 -7.14 14.45
N LEU A 404 -13.10 -8.32 14.15
CA LEU A 404 -13.02 -8.92 12.82
C LEU A 404 -14.41 -8.92 12.19
N LEU A 405 -14.47 -8.54 10.92
CA LEU A 405 -15.68 -8.65 10.12
CA LEU A 405 -15.69 -8.66 10.12
C LEU A 405 -15.54 -9.93 9.30
N LEU A 406 -16.49 -10.85 9.48
CA LEU A 406 -16.54 -12.12 8.74
C LEU A 406 -17.71 -12.08 7.78
N THR A 407 -17.48 -12.54 6.55
CA THR A 407 -18.53 -12.58 5.53
C THR A 407 -18.51 -13.94 4.87
N VAL A 408 -19.68 -14.58 4.79
CA VAL A 408 -19.82 -15.90 4.17
C VAL A 408 -20.26 -15.68 2.75
N LYS A 409 -19.47 -16.16 1.79
CA LYS A 409 -19.72 -15.96 0.36
C LYS A 409 -19.84 -17.28 -0.38
N SER A 410 -20.66 -17.29 -1.44
CA SER A 410 -20.79 -18.44 -2.32
C SER A 410 -19.58 -18.53 -3.25
N MET A 411 -19.05 -19.74 -3.44
CA MET A 411 -18.04 -19.99 -4.48
C MET A 411 -18.56 -19.69 -5.90
N ASP A 412 -19.87 -19.83 -6.11
CA ASP A 412 -20.50 -19.55 -7.41
C ASP A 412 -21.06 -18.13 -7.40
N GLY A 413 -20.30 -17.18 -7.96
CA GLY A 413 -20.75 -15.77 -8.05
C GLY A 413 -20.25 -14.83 -6.97
N TYR A 414 -19.71 -15.36 -5.88
CA TYR A 414 -19.11 -14.56 -4.79
C TYR A 414 -20.02 -13.57 -4.06
N GLU A 415 -21.33 -13.78 -4.09
CA GLU A 415 -22.28 -12.92 -3.33
C GLU A 415 -22.31 -13.30 -1.85
N SER A 416 -22.52 -12.30 -0.99
CA SER A 416 -22.58 -12.52 0.44
C SER A 416 -23.94 -13.10 0.86
N TYR A 417 -23.92 -14.08 1.76
CA TYR A 417 -25.10 -14.66 2.43
C TYR A 417 -25.25 -14.25 3.89
N GLY A 418 -24.29 -13.46 4.39
CA GLY A 418 -24.28 -13.05 5.77
C GLY A 418 -22.96 -12.44 6.19
N GLU A 419 -23.06 -11.36 6.96
CA GLU A 419 -21.92 -10.68 7.61
C GLU A 419 -22.11 -10.74 9.13
N CYS A 420 -20.99 -10.73 9.88
CA CYS A 420 -21.04 -10.59 11.35
C CYS A 420 -19.74 -9.96 11.88
N VAL A 421 -19.72 -9.63 13.17
CA VAL A 421 -18.58 -9.01 13.81
C VAL A 421 -18.19 -9.82 15.06
N VAL A 422 -16.88 -10.09 15.19
CA VAL A 422 -16.34 -10.87 16.29
C VAL A 422 -15.32 -10.01 17.04
N ALA A 423 -15.54 -9.83 18.35
CA ALA A 423 -14.62 -9.07 19.20
C ALA A 423 -13.42 -9.97 19.59
N LEU A 424 -12.20 -9.43 19.52
CA LEU A 424 -11.02 -10.11 20.08
C LEU A 424 -10.90 -9.99 21.59
N LYS A 425 -11.72 -9.13 22.21
CA LYS A 425 -11.63 -8.84 23.65
C LYS A 425 -11.34 -10.06 24.56
N SER A 426 -12.16 -11.08 24.47
CA SER A 426 -12.05 -12.23 25.37
C SER A 426 -11.27 -13.42 24.79
N MET A 427 -10.58 -13.20 23.66
CA MET A 427 -10.00 -14.30 22.87
C MET A 427 -8.47 -14.43 23.02
N ILE A 428 -7.85 -13.64 23.90
CA ILE A 428 -6.39 -13.57 23.98
C ILE A 428 -5.90 -14.72 24.85
N GLY A 429 -5.14 -15.64 24.27
CA GLY A 429 -4.56 -16.76 25.01
C GLY A 429 -4.05 -17.89 24.14
N SER A 430 -3.50 -18.91 24.79
CA SER A 430 -2.98 -20.10 24.09
C SER A 430 -4.08 -21.13 23.83
N THR A 431 -5.14 -21.08 24.62
CA THR A 431 -6.24 -22.03 24.49
C THR A 431 -7.38 -21.46 23.61
N ALA A 432 -7.90 -22.26 22.68
CA ALA A 432 -9.01 -21.82 21.85
C ALA A 432 -10.29 -21.64 22.70
N GLN A 433 -11.02 -20.57 22.39
CA GLN A 433 -12.32 -20.29 23.01
C GLN A 433 -13.36 -20.09 21.92
N GLN A 434 -14.61 -20.32 22.27
CA GLN A 434 -15.73 -20.21 21.34
C GLN A 434 -16.22 -18.76 21.20
N PHE A 435 -16.53 -18.36 19.96
CA PHE A 435 -17.38 -17.21 19.72
C PHE A 435 -18.69 -17.71 19.10
N LEU A 436 -19.78 -17.00 19.38
CA LEU A 436 -21.09 -17.27 18.84
C LEU A 436 -21.71 -15.94 18.49
N THR A 437 -22.12 -15.78 17.23
CA THR A 437 -22.91 -14.60 16.88
C THR A 437 -23.80 -14.85 15.66
N PHE A 438 -24.41 -13.77 15.15
CA PHE A 438 -25.50 -13.88 14.20
C PHE A 438 -25.18 -13.19 12.87
N LEU A 439 -25.66 -13.80 11.80
CA LEU A 439 -25.42 -13.33 10.44
C LEU A 439 -26.58 -12.44 9.99
N SER A 440 -26.27 -11.37 9.27
CA SER A 440 -27.29 -10.60 8.55
C SER A 440 -26.81 -10.20 7.18
N HIS A 441 -27.74 -9.89 6.31
CA HIS A 441 -27.44 -9.45 4.95
C HIS A 441 -28.64 -8.67 4.39
N ARG A 442 -28.37 -7.47 3.90
CA ARG A 442 -29.38 -6.64 3.26
C ARG A 442 -30.67 -6.50 4.07
N GLY A 443 -30.50 -6.22 5.36
CA GLY A 443 -31.62 -5.97 6.26
C GLY A 443 -32.42 -7.19 6.67
N GLU A 444 -31.87 -8.38 6.47
CA GLU A 444 -32.47 -9.65 6.90
C GLU A 444 -31.53 -10.41 7.83
N GLU A 445 -32.09 -11.06 8.85
CA GLU A 445 -31.33 -12.04 9.63
C GLU A 445 -31.17 -13.28 8.77
N THR A 446 -29.95 -13.79 8.61
CA THR A 446 -29.70 -14.92 7.68
C THR A 446 -28.98 -16.11 8.35
N GLY A 447 -28.93 -16.12 9.69
CA GLY A 447 -28.53 -17.30 10.45
C GLY A 447 -27.54 -16.98 11.54
N ASN A 448 -26.62 -17.92 11.78
CA ASN A 448 -25.65 -17.74 12.88
C ASN A 448 -24.32 -18.41 12.54
N ILE A 449 -23.33 -18.10 13.37
CA ILE A 449 -21.98 -18.57 13.16
C ILE A 449 -21.33 -18.80 14.54
N ARG A 450 -20.64 -19.93 14.66
CA ARG A 450 -20.01 -20.37 15.90
C ARG A 450 -18.62 -20.84 15.51
N GLY A 451 -17.63 -20.57 16.35
CA GLY A 451 -16.27 -20.94 16.01
C GLY A 451 -15.32 -20.94 17.19
N SER A 452 -14.18 -21.52 16.98
CA SER A 452 -13.20 -21.72 18.02
C SER A 452 -11.89 -21.05 17.59
N MET A 453 -11.46 -20.05 18.36
CA MET A 453 -10.31 -19.25 17.97
C MET A 453 -9.43 -18.87 19.15
N LYS A 454 -8.25 -18.40 18.80
CA LYS A 454 -7.28 -17.91 19.78
C LYS A 454 -6.38 -16.87 19.16
N VAL A 455 -5.92 -15.95 20.00
CA VAL A 455 -5.02 -14.88 19.61
C VAL A 455 -3.74 -15.11 20.43
N ARG A 456 -2.63 -15.35 19.72
CA ARG A 456 -1.31 -15.63 20.33
C ARG A 456 -0.37 -14.46 20.09
N VAL A 457 0.41 -14.11 21.11
CA VAL A 457 1.36 -13.00 21.03
C VAL A 457 2.76 -13.48 21.40
N PRO B 2 27.69 -0.30 13.91
CA PRO B 2 26.39 -0.96 13.84
C PRO B 2 26.15 -1.55 12.43
N GLU B 3 25.33 -0.93 11.59
CA GLU B 3 25.15 -1.36 10.20
C GLU B 3 26.40 -0.99 9.40
N PRO B 4 26.78 -1.84 8.43
CA PRO B 4 27.94 -1.48 7.60
C PRO B 4 27.65 -0.26 6.72
N ASP B 5 28.67 0.59 6.53
CA ASP B 5 28.62 1.69 5.56
C ASP B 5 28.99 1.21 4.14
N MET B 6 29.81 0.16 4.08
CA MET B 6 30.36 -0.34 2.83
C MET B 6 30.53 -1.85 2.88
N ILE B 7 30.48 -2.47 1.70
CA ILE B 7 30.72 -3.91 1.57
C ILE B 7 31.65 -4.17 0.41
N SER B 8 32.27 -5.34 0.43
CA SER B 8 33.15 -5.76 -0.63
C SER B 8 32.45 -6.84 -1.42
N VAL B 9 32.48 -6.70 -2.75
CA VAL B 9 31.75 -7.55 -3.67
C VAL B 9 32.73 -8.16 -4.68
N PHE B 10 32.72 -9.49 -4.76
CA PHE B 10 33.49 -10.22 -5.74
C PHE B 10 32.58 -10.64 -6.89
N ILE B 11 33.06 -10.45 -8.10
CA ILE B 11 32.45 -10.95 -9.31
C ILE B 11 33.48 -11.81 -10.05
N GLY B 12 33.08 -13.01 -10.43
CA GLY B 12 33.91 -13.87 -11.26
C GLY B 12 33.15 -14.33 -12.49
N THR B 13 33.82 -14.33 -13.64
CA THR B 13 33.25 -14.91 -14.86
C THR B 13 34.23 -15.92 -15.45
N TRP B 14 33.71 -17.10 -15.75
CA TRP B 14 34.54 -18.13 -16.33
C TRP B 14 33.77 -19.02 -17.29
N ASN B 15 34.21 -19.02 -18.55
CA ASN B 15 33.74 -20.00 -19.53
C ASN B 15 34.58 -21.29 -19.33
N MET B 16 33.90 -22.32 -18.81
CA MET B 16 34.54 -23.57 -18.39
C MET B 16 34.79 -24.59 -19.51
N GLY B 17 34.37 -24.30 -20.75
CA GLY B 17 34.66 -25.16 -21.89
C GLY B 17 34.18 -26.59 -21.82
N SER B 18 33.04 -26.78 -21.16
CA SER B 18 32.34 -28.07 -21.03
C SER B 18 33.13 -29.26 -20.48
N VAL B 19 34.10 -29.00 -19.61
CA VAL B 19 34.83 -30.06 -18.94
C VAL B 19 34.92 -29.69 -17.46
N PRO B 20 35.19 -30.67 -16.59
CA PRO B 20 35.18 -30.41 -15.15
C PRO B 20 36.25 -29.42 -14.72
N PRO B 21 35.99 -28.63 -13.66
CA PRO B 21 37.01 -27.73 -13.16
C PRO B 21 38.06 -28.48 -12.34
N PRO B 22 39.23 -27.87 -12.14
CA PRO B 22 40.22 -28.43 -11.23
C PRO B 22 39.76 -28.25 -9.80
N LYS B 23 40.29 -29.05 -8.88
CA LYS B 23 39.96 -28.89 -7.47
C LYS B 23 40.46 -27.55 -6.92
N ASN B 24 41.60 -27.07 -7.43
CA ASN B 24 42.14 -25.79 -6.99
C ASN B 24 41.74 -24.64 -7.93
N VAL B 25 40.82 -23.80 -7.46
CA VAL B 25 40.48 -22.54 -8.13
C VAL B 25 40.66 -21.36 -7.19
N THR B 26 41.51 -21.54 -6.16
CA THR B 26 41.78 -20.52 -5.14
C THR B 26 42.21 -19.16 -5.72
N SER B 27 42.99 -19.19 -6.79
CA SER B 27 43.47 -17.94 -7.41
C SER B 27 42.34 -17.06 -7.98
N TRP B 28 41.29 -17.71 -8.51
CA TRP B 28 40.10 -17.03 -9.01
C TRP B 28 39.41 -16.26 -7.88
N PHE B 29 39.21 -16.94 -6.76
CA PHE B 29 38.51 -16.39 -5.56
C PHE B 29 39.26 -15.24 -4.93
N THR B 30 40.60 -15.28 -4.99
CA THR B 30 41.44 -14.31 -4.30
C THR B 30 42.06 -13.27 -5.27
N SER B 31 41.57 -13.19 -6.52
CA SER B 31 42.05 -12.20 -7.47
C SER B 31 43.57 -12.23 -7.64
N LYS B 32 44.13 -13.42 -7.81
CA LYS B 32 45.57 -13.57 -8.04
C LYS B 32 45.81 -13.99 -9.47
N GLY B 33 46.77 -13.32 -10.12
CA GLY B 33 47.17 -13.67 -11.47
C GLY B 33 47.74 -12.48 -12.21
N LEU B 34 47.04 -12.08 -13.28
CA LEU B 34 47.48 -11.04 -14.20
C LEU B 34 46.49 -9.87 -14.19
N GLY B 35 47.02 -8.65 -14.25
CA GLY B 35 46.20 -7.42 -14.37
C GLY B 35 46.27 -6.52 -13.16
N LYS B 36 45.10 -6.07 -12.68
CA LYS B 36 44.99 -5.32 -11.42
C LYS B 36 44.58 -6.34 -10.36
N THR B 37 45.59 -6.83 -9.60
CA THR B 37 45.42 -8.03 -8.77
C THR B 37 45.61 -7.79 -7.28
N LEU B 38 45.24 -8.79 -6.48
CA LEU B 38 45.45 -8.75 -5.03
C LEU B 38 46.55 -9.72 -4.57
N ASP B 39 47.56 -9.97 -5.41
CA ASP B 39 48.63 -10.95 -5.09
C ASP B 39 49.45 -10.63 -3.83
N GLU B 40 49.50 -9.36 -3.45
CA GLU B 40 50.38 -8.94 -2.37
C GLU B 40 49.67 -8.46 -1.11
N VAL B 41 48.49 -9.01 -0.84
CA VAL B 41 47.80 -8.70 0.41
C VAL B 41 48.54 -9.29 1.64
N THR B 42 48.74 -8.47 2.65
CA THR B 42 49.31 -8.95 3.92
C THR B 42 48.27 -9.70 4.78
N VAL B 43 46.97 -9.52 4.48
CA VAL B 43 45.87 -10.28 5.10
C VAL B 43 44.80 -10.57 4.03
N THR B 44 44.42 -11.83 3.86
CA THR B 44 43.29 -12.22 2.98
C THR B 44 41.99 -11.90 3.71
N ILE B 45 41.20 -10.99 3.14
CA ILE B 45 40.00 -10.48 3.78
C ILE B 45 38.81 -11.03 2.99
N PRO B 46 38.02 -11.94 3.59
CA PRO B 46 36.90 -12.50 2.82
C PRO B 46 35.88 -11.43 2.42
N HIS B 47 35.36 -11.52 1.20
CA HIS B 47 34.40 -10.54 0.71
C HIS B 47 33.05 -10.74 1.36
N ASP B 48 32.25 -9.69 1.37
CA ASP B 48 30.90 -9.78 1.93
C ASP B 48 29.96 -10.58 1.04
N ILE B 49 30.15 -10.44 -0.28
CA ILE B 49 29.34 -11.09 -1.32
C ILE B 49 30.27 -11.63 -2.39
N TYR B 50 30.03 -12.89 -2.78
CA TYR B 50 30.67 -13.49 -3.94
C TYR B 50 29.60 -13.81 -4.97
N VAL B 51 29.85 -13.37 -6.20
CA VAL B 51 29.03 -13.68 -7.36
C VAL B 51 29.87 -14.45 -8.40
N PHE B 52 29.40 -15.63 -8.79
CA PHE B 52 30.08 -16.45 -9.79
C PHE B 52 29.21 -16.63 -11.02
N GLY B 53 29.70 -16.19 -12.17
CA GLY B 53 28.97 -16.34 -13.45
C GLY B 53 29.76 -17.34 -14.29
N THR B 54 29.07 -18.34 -14.86
CA THR B 54 29.76 -19.31 -15.72
C THR B 54 29.02 -19.54 -17.03
N GLN B 55 29.79 -19.96 -18.05
CA GLN B 55 29.29 -20.35 -19.38
C GLN B 55 29.97 -21.70 -19.77
N GLU B 56 29.32 -22.47 -20.65
CA GLU B 56 29.79 -23.86 -20.98
C GLU B 56 30.09 -24.68 -19.71
N ASN B 57 29.21 -24.56 -18.72
CA ASN B 57 29.35 -25.20 -17.41
C ASN B 57 28.49 -26.46 -17.43
N SER B 58 29.16 -27.60 -17.52
CA SER B 58 28.51 -28.89 -17.56
C SER B 58 28.35 -29.54 -16.20
N VAL B 59 28.87 -28.92 -15.12
CA VAL B 59 28.63 -29.43 -13.77
C VAL B 59 27.14 -29.19 -13.41
N GLY B 60 26.47 -30.17 -12.80
CA GLY B 60 25.08 -30.02 -12.38
C GLY B 60 24.91 -28.87 -11.38
N ASP B 61 23.73 -28.26 -11.41
CA ASP B 61 23.43 -27.08 -10.59
C ASP B 61 23.78 -27.25 -9.09
N ARG B 62 23.26 -28.32 -8.49
CA ARG B 62 23.48 -28.63 -7.07
C ARG B 62 24.95 -28.91 -6.76
N GLU B 63 25.58 -29.72 -7.61
CA GLU B 63 27.00 -30.03 -7.48
C GLU B 63 27.87 -28.75 -7.57
N TRP B 64 27.58 -27.89 -8.54
CA TRP B 64 28.35 -26.66 -8.76
C TRP B 64 28.24 -25.71 -7.59
N LEU B 65 27.00 -25.50 -7.09
CA LEU B 65 26.82 -24.69 -5.87
C LEU B 65 27.56 -25.30 -4.70
N ASP B 66 27.52 -26.63 -4.59
CA ASP B 66 28.25 -27.31 -3.52
C ASP B 66 29.77 -27.03 -3.61
N LEU B 67 30.32 -27.08 -4.82
CA LEU B 67 31.74 -26.76 -5.01
C LEU B 67 32.09 -25.33 -4.59
N LEU B 68 31.24 -24.36 -4.97
CA LEU B 68 31.40 -22.96 -4.54
C LEU B 68 31.40 -22.81 -3.00
N ARG B 69 30.40 -23.40 -2.37
CA ARG B 69 30.26 -23.36 -0.92
C ARG B 69 31.44 -24.04 -0.21
N GLY B 70 31.84 -25.21 -0.71
CA GLY B 70 33.00 -25.92 -0.15
C GLY B 70 34.27 -25.10 -0.31
N GLY B 71 34.45 -24.47 -1.47
CA GLY B 71 35.61 -23.65 -1.73
C GLY B 71 35.74 -22.44 -0.81
N LEU B 72 34.61 -21.76 -0.60
CA LEU B 72 34.57 -20.58 0.27
C LEU B 72 34.80 -20.95 1.73
N LYS B 73 34.24 -22.10 2.14
CA LYS B 73 34.46 -22.59 3.50
C LYS B 73 35.93 -22.87 3.78
N GLU B 74 36.59 -23.60 2.87
CA GLU B 74 38.04 -23.88 2.95
C GLU B 74 38.88 -22.58 2.96
N LEU B 75 38.52 -21.63 2.10
CA LEU B 75 39.21 -20.34 2.02
C LEU B 75 39.05 -19.48 3.28
N THR B 76 37.81 -19.33 3.74
CA THR B 76 37.45 -18.29 4.70
C THR B 76 37.06 -18.80 6.09
N ASP B 77 36.78 -20.09 6.20
CA ASP B 77 36.21 -20.69 7.41
C ASP B 77 34.76 -20.29 7.76
N LEU B 78 34.05 -19.65 6.83
CA LEU B 78 32.63 -19.30 7.01
C LEU B 78 31.79 -20.14 6.04
N ASP B 79 30.58 -20.48 6.47
CA ASP B 79 29.59 -21.15 5.64
C ASP B 79 28.74 -20.05 5.01
N TYR B 80 29.14 -19.64 3.81
CA TYR B 80 28.41 -18.60 3.07
C TYR B 80 26.99 -19.04 2.72
N ARG B 81 26.05 -18.10 2.85
CA ARG B 81 24.63 -18.38 2.61
C ARG B 81 24.35 -18.09 1.12
N PRO B 82 23.82 -19.07 0.37
CA PRO B 82 23.37 -18.75 -0.99
C PRO B 82 22.11 -17.87 -0.96
N ILE B 83 22.22 -16.66 -1.51
CA ILE B 83 21.09 -15.75 -1.72
C ILE B 83 20.22 -16.35 -2.80
N ALA B 84 20.81 -16.64 -3.95
CA ALA B 84 20.08 -17.26 -5.06
C ALA B 84 21.00 -17.80 -6.10
N MET B 85 20.46 -18.70 -6.91
CA MET B 85 21.15 -19.23 -8.06
C MET B 85 20.16 -19.33 -9.23
N GLN B 86 20.67 -19.12 -10.46
CA GLN B 86 19.85 -19.23 -11.66
C GLN B 86 20.66 -19.86 -12.78
N SER B 87 20.08 -20.86 -13.43
CA SER B 87 20.75 -21.50 -14.57
C SER B 87 19.87 -21.43 -15.82
N LEU B 88 20.53 -21.43 -16.98
CA LEU B 88 19.88 -21.59 -18.27
C LEU B 88 20.76 -22.58 -19.01
N TRP B 89 20.42 -23.87 -18.88
CA TRP B 89 21.31 -24.96 -19.28
C TRP B 89 22.73 -24.77 -18.75
N ASN B 90 23.70 -24.43 -19.60
CA ASN B 90 25.10 -24.40 -19.25
C ASN B 90 25.62 -23.00 -18.87
N ILE B 91 24.70 -22.02 -18.82
CA ILE B 91 24.95 -20.68 -18.29
C ILE B 91 24.39 -20.65 -16.87
N LYS B 92 25.20 -20.31 -15.88
CA LYS B 92 24.81 -20.43 -14.47
C LYS B 92 25.40 -19.30 -13.64
N VAL B 93 24.60 -18.73 -12.75
CA VAL B 93 25.05 -17.70 -11.82
C VAL B 93 24.63 -18.07 -10.41
N ALA B 94 25.49 -17.80 -9.42
CA ALA B 94 25.16 -17.95 -8.00
C ALA B 94 25.70 -16.78 -7.22
N VAL B 95 24.94 -16.36 -6.21
CA VAL B 95 25.31 -15.27 -5.32
C VAL B 95 25.30 -15.83 -3.91
N LEU B 96 26.38 -15.58 -3.18
CA LEU B 96 26.56 -16.05 -1.80
C LEU B 96 27.00 -14.91 -0.87
N VAL B 97 26.50 -14.91 0.36
CA VAL B 97 26.75 -13.83 1.31
C VAL B 97 27.24 -14.37 2.66
N LYS B 98 28.09 -13.59 3.33
CA LYS B 98 28.53 -13.89 4.69
C LYS B 98 27.32 -14.11 5.61
N PRO B 99 27.35 -15.16 6.46
CA PRO B 99 26.26 -15.44 7.41
C PRO B 99 25.80 -14.23 8.22
N GLU B 100 26.74 -13.37 8.62
CA GLU B 100 26.36 -12.21 9.46
C GLU B 100 25.46 -11.18 8.78
N HIS B 101 25.41 -11.20 7.44
CA HIS B 101 24.56 -10.31 6.65
C HIS B 101 23.21 -10.94 6.29
N GLU B 102 22.89 -12.12 6.83
CA GLU B 102 21.69 -12.85 6.41
C GLU B 102 20.38 -12.07 6.60
N ASN B 103 20.29 -11.23 7.63
CA ASN B 103 19.10 -10.42 7.89
C ASN B 103 19.09 -9.07 7.17
N ARG B 104 20.07 -8.80 6.31
CA ARG B 104 20.13 -7.54 5.56
C ARG B 104 19.65 -7.70 4.12
N ILE B 105 19.32 -8.93 3.72
CA ILE B 105 18.96 -9.24 2.35
C ILE B 105 17.46 -9.33 2.19
N SER B 106 16.90 -8.67 1.17
CA SER B 106 15.47 -8.73 0.87
C SER B 106 15.22 -8.61 -0.64
N HIS B 107 13.94 -8.76 -1.03
CA HIS B 107 13.49 -8.56 -2.41
C HIS B 107 14.35 -9.32 -3.45
N VAL B 108 14.54 -10.62 -3.21
CA VAL B 108 15.40 -11.44 -4.07
C VAL B 108 14.63 -11.81 -5.34
N SER B 109 15.26 -11.63 -6.50
CA SER B 109 14.63 -11.93 -7.79
C SER B 109 15.59 -12.71 -8.71
N THR B 110 15.05 -13.58 -9.56
CA THR B 110 15.86 -14.34 -10.53
C THR B 110 15.15 -14.36 -11.88
N SER B 111 15.93 -14.46 -12.95
CA SER B 111 15.38 -14.53 -14.30
C SER B 111 16.39 -15.09 -15.31
N SER B 112 15.89 -15.48 -16.47
CA SER B 112 16.75 -15.88 -17.60
C SER B 112 16.11 -15.53 -18.93
N VAL B 113 16.95 -15.36 -19.96
CA VAL B 113 16.53 -15.07 -21.33
C VAL B 113 17.36 -15.91 -22.30
N LYS B 114 16.69 -16.62 -23.19
CA LYS B 114 17.36 -17.39 -24.24
C LYS B 114 17.58 -16.48 -25.43
N THR B 115 18.77 -16.56 -26.03
CA THR B 115 19.02 -15.93 -27.36
C THR B 115 19.32 -16.97 -28.48
N GLY B 116 19.85 -18.15 -28.14
CA GLY B 116 20.18 -19.17 -29.12
C GLY B 116 19.07 -20.17 -29.34
N ILE B 117 19.22 -20.98 -30.38
CA ILE B 117 18.17 -21.89 -30.83
C ILE B 117 17.97 -23.08 -29.85
N ALA B 118 19.06 -23.78 -29.50
CA ALA B 118 18.94 -25.04 -28.74
C ALA B 118 19.85 -25.09 -27.53
N ASN B 119 19.64 -26.11 -26.70
CA ASN B 119 20.47 -26.37 -25.50
C ASN B 119 21.79 -27.13 -25.81
N THR B 120 22.59 -26.55 -26.70
CA THR B 120 23.92 -27.08 -27.00
C THR B 120 24.84 -26.85 -25.81
N LEU B 121 26.03 -27.42 -25.85
CA LEU B 121 27.02 -27.23 -24.78
C LEU B 121 27.33 -25.76 -24.54
N GLY B 122 27.42 -24.98 -25.62
CA GLY B 122 27.64 -23.53 -25.55
C GLY B 122 26.41 -22.70 -25.83
N ASN B 123 25.29 -23.06 -25.18
CA ASN B 123 24.01 -22.38 -25.43
C ASN B 123 24.12 -20.89 -25.05
N LYS B 124 23.34 -20.06 -25.76
CA LYS B 124 23.42 -18.59 -25.68
C LYS B 124 22.23 -17.96 -24.93
N GLY B 125 22.49 -16.85 -24.24
CA GLY B 125 21.47 -16.11 -23.52
C GLY B 125 22.05 -15.54 -22.22
N ALA B 126 21.20 -15.42 -21.21
CA ALA B 126 21.61 -14.78 -19.96
C ALA B 126 20.77 -15.25 -18.77
N VAL B 127 21.36 -15.14 -17.59
CA VAL B 127 20.70 -15.40 -16.33
C VAL B 127 20.96 -14.22 -15.40
N GLY B 128 20.01 -13.97 -14.51
CA GLY B 128 20.09 -12.83 -13.62
C GLY B 128 19.64 -13.08 -12.20
N VAL B 129 20.26 -12.36 -11.27
CA VAL B 129 19.87 -12.32 -9.86
C VAL B 129 19.85 -10.88 -9.41
N SER B 130 18.82 -10.49 -8.64
CA SER B 130 18.82 -9.19 -7.99
C SER B 130 18.31 -9.29 -6.55
N PHE B 131 18.66 -8.28 -5.74
CA PHE B 131 18.27 -8.19 -4.34
C PHE B 131 18.63 -6.83 -3.75
N MET B 132 18.13 -6.55 -2.55
CA MET B 132 18.56 -5.39 -1.78
C MET B 132 19.42 -5.82 -0.59
N PHE B 133 20.48 -5.04 -0.34
CA PHE B 133 21.31 -5.13 0.84
C PHE B 133 20.99 -3.86 1.62
N ASN B 134 20.34 -4.04 2.76
CA ASN B 134 19.65 -2.96 3.45
C ASN B 134 18.88 -2.14 2.41
N GLY B 135 19.20 -0.86 2.22
CA GLY B 135 18.43 0.03 1.34
C GLY B 135 18.98 0.20 -0.07
N THR B 136 20.01 -0.55 -0.44
CA THR B 136 20.70 -0.41 -1.71
C THR B 136 20.39 -1.63 -2.57
N SER B 137 19.95 -1.43 -3.81
CA SER B 137 19.61 -2.57 -4.68
C SER B 137 20.75 -2.93 -5.64
N PHE B 138 20.88 -4.25 -5.91
CA PHE B 138 21.90 -4.80 -6.78
C PHE B 138 21.25 -5.70 -7.83
N GLY B 139 21.71 -5.60 -9.07
CA GLY B 139 21.43 -6.55 -10.12
C GLY B 139 22.70 -7.15 -10.67
N PHE B 140 22.67 -8.46 -10.98
CA PHE B 140 23.84 -9.21 -11.54
C PHE B 140 23.38 -10.02 -12.76
N VAL B 141 23.97 -9.75 -13.92
CA VAL B 141 23.59 -10.40 -15.18
C VAL B 141 24.83 -11.14 -15.70
N ASN B 142 24.69 -12.44 -15.90
CA ASN B 142 25.73 -13.30 -16.47
C ASN B 142 25.24 -13.75 -17.84
N CYS B 143 26.02 -13.56 -18.89
CA CYS B 143 25.59 -13.89 -20.24
C CYS B 143 26.63 -14.66 -21.05
N HIS B 144 26.15 -15.27 -22.13
CA HIS B 144 26.96 -15.88 -23.18
C HIS B 144 26.35 -15.42 -24.51
N LEU B 145 27.07 -14.56 -25.22
CA LEU B 145 26.56 -13.94 -26.45
C LEU B 145 27.11 -14.65 -27.68
N THR B 146 26.54 -14.32 -28.85
CA THR B 146 26.94 -14.93 -30.13
C THR B 146 28.45 -14.84 -30.39
N SER B 147 29.00 -15.93 -30.93
CA SER B 147 30.44 -16.01 -31.20
C SER B 147 30.78 -15.65 -32.65
N GLY B 148 32.06 -15.37 -32.88
CA GLY B 148 32.64 -15.26 -34.22
C GLY B 148 33.00 -13.81 -34.49
N ASN B 149 34.15 -13.60 -35.11
CA ASN B 149 34.69 -12.24 -35.35
C ASN B 149 33.74 -11.33 -36.13
N GLU B 150 32.95 -11.93 -37.01
CA GLU B 150 32.05 -11.23 -37.91
C GLU B 150 30.65 -10.93 -37.35
N LYS B 151 30.35 -11.36 -36.11
CA LYS B 151 29.00 -11.33 -35.56
C LYS B 151 28.76 -10.18 -34.56
N THR B 152 29.40 -9.03 -34.75
CA THR B 152 29.23 -7.91 -33.83
C THR B 152 27.75 -7.46 -33.72
N ALA B 153 27.09 -7.29 -34.86
CA ALA B 153 25.71 -6.81 -34.91
C ALA B 153 24.76 -7.77 -34.19
N ARG B 154 24.97 -9.08 -34.33
CA ARG B 154 24.19 -10.06 -33.60
C ARG B 154 24.42 -9.99 -32.06
N ARG B 155 25.67 -9.74 -31.69
CA ARG B 155 26.04 -9.53 -30.29
C ARG B 155 25.29 -8.33 -29.66
N ASN B 156 25.29 -7.21 -30.38
CA ASN B 156 24.54 -6.03 -29.97
C ASN B 156 23.05 -6.35 -29.80
N GLN B 157 22.47 -7.10 -30.73
CA GLN B 157 21.04 -7.44 -30.66
C GLN B 157 20.74 -8.38 -29.48
N ASN B 158 21.65 -9.32 -29.20
CA ASN B 158 21.57 -10.19 -28.01
C ASN B 158 21.47 -9.31 -26.77
N TYR B 159 22.37 -8.35 -26.68
CA TYR B 159 22.43 -7.43 -25.56
C TYR B 159 21.09 -6.74 -25.36
N LEU B 160 20.54 -6.17 -26.44
CA LEU B 160 19.26 -5.47 -26.36
C LEU B 160 18.12 -6.38 -25.93
N ASP B 161 18.07 -7.58 -26.50
CA ASP B 161 16.99 -8.52 -26.18
C ASP B 161 17.04 -8.90 -24.68
N ILE B 162 18.23 -9.18 -24.16
CA ILE B 162 18.41 -9.49 -22.74
C ILE B 162 17.97 -8.29 -21.87
N LEU B 163 18.45 -7.10 -22.22
CA LEU B 163 18.09 -5.88 -21.51
C LEU B 163 16.57 -5.70 -21.42
N ARG B 164 15.90 -5.98 -22.54
CA ARG B 164 14.46 -5.75 -22.63
C ARG B 164 13.60 -6.87 -22.05
N LEU B 165 14.10 -8.10 -22.02
CA LEU B 165 13.30 -9.27 -21.67
C LEU B 165 13.59 -9.84 -20.29
N LEU B 166 14.72 -9.45 -19.67
CA LEU B 166 15.04 -9.91 -18.32
C LEU B 166 14.06 -9.34 -17.33
N SER B 167 13.45 -10.23 -16.56
CA SER B 167 12.40 -9.86 -15.63
C SER B 167 12.91 -9.82 -14.18
N LEU B 168 13.90 -8.97 -13.91
CA LEU B 168 14.47 -8.80 -12.56
C LEU B 168 13.93 -7.60 -11.84
N GLY B 169 13.69 -7.75 -10.53
CA GLY B 169 13.41 -6.62 -9.64
C GLY B 169 11.92 -6.40 -9.45
N ASP B 177 12.35 -2.51 -19.10
CA ASP B 177 13.81 -2.44 -19.20
C ASP B 177 14.43 -2.48 -17.79
N ILE B 178 15.50 -3.27 -17.61
CA ILE B 178 16.20 -3.34 -16.29
C ILE B 178 17.25 -2.23 -16.05
N SER B 179 17.50 -1.40 -17.06
CA SER B 179 18.57 -0.39 -17.08
C SER B 179 18.71 0.45 -15.83
N ASP B 180 17.61 1.04 -15.36
CA ASP B 180 17.66 1.93 -14.20
C ASP B 180 16.99 1.36 -12.94
N ARG B 181 16.78 0.04 -12.89
CA ARG B 181 16.05 -0.56 -11.76
C ARG B 181 16.86 -0.72 -10.50
N PHE B 182 18.18 -0.72 -10.62
CA PHE B 182 19.06 -1.03 -9.50
C PHE B 182 20.07 0.08 -9.26
N THR B 183 20.42 0.30 -7.99
CA THR B 183 21.50 1.21 -7.63
C THR B 183 22.80 0.82 -8.33
N HIS B 184 23.12 -0.47 -8.33
CA HIS B 184 24.30 -0.98 -9.02
C HIS B 184 23.92 -2.20 -9.84
N LEU B 185 24.18 -2.12 -11.14
CA LEU B 185 23.90 -3.19 -12.09
C LEU B 185 25.25 -3.66 -12.68
N PHE B 186 25.60 -4.90 -12.33
CA PHE B 186 26.79 -5.56 -12.88
C PHE B 186 26.39 -6.50 -14.01
N TRP B 187 27.10 -6.41 -15.13
CA TRP B 187 26.82 -7.25 -16.30
C TRP B 187 28.17 -7.83 -16.74
N PHE B 188 28.24 -9.14 -16.84
CA PHE B 188 29.49 -9.88 -17.05
C PHE B 188 29.20 -11.16 -17.82
N GLY B 189 30.27 -11.85 -18.21
CA GLY B 189 30.13 -13.10 -18.93
C GLY B 189 31.10 -13.27 -20.07
N ASP B 190 30.81 -14.25 -20.91
CA ASP B 190 31.47 -14.43 -22.19
C ASP B 190 30.68 -13.59 -23.17
N LEU B 191 31.01 -12.29 -23.19
CA LEU B 191 30.40 -11.32 -24.10
C LEU B 191 30.79 -11.57 -25.55
N ASN B 192 31.94 -12.24 -25.74
CA ASN B 192 32.35 -12.77 -27.03
C ASN B 192 32.76 -11.72 -28.08
N TYR B 193 32.96 -10.47 -27.66
CA TYR B 193 33.48 -9.46 -28.57
C TYR B 193 34.96 -9.75 -28.83
N ARG B 194 35.39 -9.49 -30.07
CA ARG B 194 36.72 -9.88 -30.56
C ARG B 194 37.62 -8.69 -30.92
N LEU B 195 38.87 -8.99 -31.32
CA LEU B 195 39.82 -7.97 -31.77
C LEU B 195 39.85 -7.92 -33.29
N ASP B 196 39.78 -6.73 -33.86
CA ASP B 196 39.90 -6.54 -35.33
C ASP B 196 41.37 -6.32 -35.73
N MET B 197 42.10 -7.41 -35.79
CA MET B 197 43.53 -7.39 -36.12
C MET B 197 43.94 -8.81 -36.43
N ASP B 198 45.02 -8.96 -37.20
CA ASP B 198 45.52 -10.29 -37.58
C ASP B 198 46.37 -10.90 -36.47
N ILE B 199 46.39 -12.22 -36.45
CA ILE B 199 47.08 -13.04 -35.44
C ILE B 199 48.53 -12.60 -35.12
N GLN B 200 49.36 -12.36 -36.15
CA GLN B 200 50.78 -12.08 -35.93
C GLN B 200 50.94 -10.81 -35.11
N GLU B 201 50.24 -9.77 -35.55
CA GLU B 201 50.29 -8.46 -34.88
C GLU B 201 49.81 -8.58 -33.45
N ILE B 202 48.72 -9.33 -33.23
CA ILE B 202 48.18 -9.52 -31.87
C ILE B 202 49.21 -10.19 -30.94
N LEU B 203 49.81 -11.30 -31.38
CA LEU B 203 50.81 -12.04 -30.57
C LEU B 203 52.03 -11.19 -30.23
N ASN B 204 52.46 -10.40 -31.21
CA ASN B 204 53.57 -9.47 -31.02
C ASN B 204 53.24 -8.50 -29.91
N TYR B 205 52.09 -7.84 -30.00
CA TYR B 205 51.69 -6.89 -28.96
C TYR B 205 51.55 -7.57 -27.60
N ILE B 206 50.96 -8.76 -27.55
CA ILE B 206 50.84 -9.51 -26.29
C ILE B 206 52.23 -9.79 -25.70
N SER B 207 53.15 -10.26 -26.54
CA SER B 207 54.53 -10.55 -26.09
C SER B 207 55.23 -9.31 -25.53
N ARG B 208 55.04 -8.16 -26.20
CA ARG B 208 55.59 -6.88 -25.73
C ARG B 208 54.90 -6.31 -24.49
N LYS B 209 53.82 -6.95 -24.04
CA LYS B 209 52.94 -6.42 -23.01
C LYS B 209 52.45 -5.01 -23.35
N GLU B 210 52.15 -4.78 -24.62
CA GLU B 210 51.62 -3.51 -25.12
C GLU B 210 50.14 -3.68 -25.43
N PHE B 211 49.29 -3.45 -24.44
CA PHE B 211 47.86 -3.75 -24.61
C PHE B 211 47.04 -2.64 -25.25
N GLU B 212 47.51 -1.39 -25.19
CA GLU B 212 46.77 -0.26 -25.74
C GLU B 212 46.45 -0.38 -27.25
N PRO B 213 47.42 -0.80 -28.08
CA PRO B 213 47.10 -1.01 -29.51
C PRO B 213 46.00 -2.06 -29.77
N LEU B 214 45.92 -3.05 -28.89
CA LEU B 214 44.91 -4.11 -28.97
C LEU B 214 43.54 -3.58 -28.52
N LEU B 215 43.53 -2.83 -27.42
CA LEU B 215 42.28 -2.26 -26.88
C LEU B 215 41.65 -1.27 -27.86
N ARG B 216 42.49 -0.58 -28.65
CA ARG B 216 42.01 0.28 -29.74
C ARG B 216 41.20 -0.47 -30.81
N VAL B 217 41.45 -1.77 -30.99
CA VAL B 217 40.71 -2.59 -31.97
C VAL B 217 39.72 -3.59 -31.31
N ASP B 218 39.43 -3.41 -30.01
CA ASP B 218 38.50 -4.27 -29.30
C ASP B 218 37.04 -3.90 -29.66
N GLN B 219 36.29 -4.87 -30.17
CA GLN B 219 34.93 -4.60 -30.69
C GLN B 219 33.97 -4.09 -29.62
N LEU B 220 34.08 -4.62 -28.39
CA LEU B 220 33.24 -4.09 -27.29
C LEU B 220 33.53 -2.61 -27.01
N ASN B 221 34.80 -2.21 -26.93
CA ASN B 221 35.16 -0.79 -26.72
C ASN B 221 34.60 0.09 -27.83
N LEU B 222 34.71 -0.37 -29.07
CA LEU B 222 34.18 0.35 -30.25
C LEU B 222 32.66 0.49 -30.25
N GLU B 223 31.95 -0.59 -29.94
CA GLU B 223 30.48 -0.53 -29.87
C GLU B 223 29.99 0.31 -28.70
N ARG B 224 30.71 0.29 -27.58
CA ARG B 224 30.39 1.18 -26.46
C ARG B 224 30.57 2.65 -26.85
N GLU B 225 31.63 2.95 -27.59
CA GLU B 225 31.93 4.31 -28.07
C GLU B 225 30.90 4.78 -29.10
N LYS B 226 30.34 3.86 -29.89
CA LYS B 226 29.23 4.19 -30.79
C LYS B 226 27.88 4.33 -30.07
N HIS B 227 27.83 4.11 -28.75
CA HIS B 227 26.58 4.17 -27.99
C HIS B 227 25.52 3.14 -28.44
N LYS B 228 25.97 1.97 -28.92
CA LYS B 228 25.07 0.90 -29.36
C LYS B 228 24.76 -0.10 -28.24
N VAL B 229 25.68 -0.25 -27.30
CA VAL B 229 25.51 -1.15 -26.16
C VAL B 229 26.04 -0.53 -24.89
N PHE B 230 25.57 -1.08 -23.77
CA PHE B 230 26.06 -0.73 -22.43
C PHE B 230 26.11 0.78 -22.15
N LEU B 231 25.01 1.46 -22.47
CA LEU B 231 24.88 2.89 -22.19
C LEU B 231 25.05 3.14 -20.72
N ARG B 232 25.94 4.09 -20.40
CA ARG B 232 26.27 4.54 -19.04
C ARG B 232 27.12 3.55 -18.25
N PHE B 233 27.52 2.42 -18.83
CA PHE B 233 28.35 1.46 -18.10
C PHE B 233 29.81 1.88 -18.04
N SER B 234 30.50 1.46 -16.99
CA SER B 234 31.97 1.54 -16.88
C SER B 234 32.65 0.15 -16.95
N GLU B 235 33.90 0.13 -17.38
CA GLU B 235 34.75 -1.07 -17.25
C GLU B 235 36.11 -0.62 -16.75
N GLU B 236 36.70 -1.34 -15.80
CA GLU B 236 38.04 -1.02 -15.32
C GLU B 236 39.06 -1.24 -16.44
N GLU B 237 40.12 -0.44 -16.43
CA GLU B 237 41.22 -0.56 -17.39
C GLU B 237 41.76 -1.99 -17.46
N ILE B 238 41.92 -2.51 -18.68
CA ILE B 238 42.43 -3.87 -18.89
C ILE B 238 43.97 -3.85 -18.90
N SER B 239 44.59 -4.65 -18.03
CA SER B 239 46.07 -4.75 -17.98
C SER B 239 46.52 -6.21 -17.95
N PHE B 240 45.67 -7.10 -18.47
CA PHE B 240 45.92 -8.54 -18.51
C PHE B 240 45.73 -9.00 -19.96
N PRO B 241 46.44 -10.06 -20.38
CA PRO B 241 46.32 -10.48 -21.79
C PRO B 241 44.95 -11.06 -22.15
N PRO B 242 44.64 -11.13 -23.46
CA PRO B 242 43.41 -11.79 -23.91
C PRO B 242 43.19 -13.19 -23.31
N THR B 243 41.97 -13.43 -22.85
CA THR B 243 41.60 -14.60 -22.06
C THR B 243 41.14 -15.79 -22.91
N TYR B 244 41.10 -15.61 -24.22
CA TYR B 244 40.66 -16.62 -25.20
C TYR B 244 41.60 -16.47 -26.43
N ARG B 245 41.97 -17.52 -27.17
CA ARG B 245 41.62 -18.91 -26.97
C ARG B 245 42.91 -19.70 -26.66
N TYR B 246 42.97 -20.28 -25.46
CA TYR B 246 44.15 -20.98 -24.98
C TYR B 246 44.05 -22.46 -25.31
N GLU B 247 45.21 -23.08 -25.52
CA GLU B 247 45.31 -24.56 -25.46
C GLU B 247 45.14 -25.00 -24.01
N ARG B 248 44.44 -26.10 -23.81
CA ARG B 248 44.16 -26.61 -22.48
C ARG B 248 45.39 -27.32 -21.89
N GLY B 249 45.53 -27.30 -20.58
CA GLY B 249 46.68 -27.92 -19.90
C GLY B 249 47.80 -26.98 -19.49
N SER B 250 47.85 -25.79 -20.10
CA SER B 250 48.74 -24.71 -19.67
C SER B 250 48.20 -23.35 -20.16
N ARG B 251 48.92 -22.27 -19.89
CA ARG B 251 48.64 -20.95 -20.52
C ARG B 251 49.80 -20.48 -21.43
N ASP B 252 50.59 -21.42 -21.94
CA ASP B 252 51.78 -21.12 -22.75
C ASP B 252 51.44 -20.59 -24.13
N THR B 253 50.40 -21.16 -24.76
CA THR B 253 50.06 -20.84 -26.14
C THR B 253 48.57 -20.60 -26.39
N TYR B 254 48.29 -19.63 -27.25
CA TYR B 254 46.98 -19.42 -27.82
C TYR B 254 46.78 -20.43 -28.95
N ALA B 255 45.60 -21.04 -29.01
CA ALA B 255 45.25 -21.94 -30.11
C ALA B 255 45.21 -21.20 -31.44
N TRP B 256 45.70 -21.84 -32.50
CA TRP B 256 45.77 -21.24 -33.84
C TRP B 256 46.00 -22.28 -34.97
N HIS B 257 45.24 -22.18 -36.05
CA HIS B 257 45.30 -23.13 -37.18
C HIS B 257 46.44 -22.80 -38.15
N THR B 266 38.69 -18.12 -37.76
CA THR B 266 39.58 -17.01 -37.39
C THR B 266 39.35 -16.60 -35.92
N ASN B 267 39.68 -17.49 -34.97
CA ASN B 267 39.50 -17.20 -33.53
C ASN B 267 40.78 -16.60 -32.94
N VAL B 268 41.05 -15.36 -33.30
CA VAL B 268 42.24 -14.67 -32.81
C VAL B 268 42.10 -14.39 -31.31
N PRO B 269 43.25 -14.28 -30.61
CA PRO B 269 43.19 -13.95 -29.19
C PRO B 269 42.34 -12.70 -28.93
N SER B 270 41.45 -12.78 -27.94
CA SER B 270 40.46 -11.75 -27.67
C SER B 270 40.07 -11.67 -26.18
N TRP B 271 39.61 -10.48 -25.76
CA TRP B 271 39.01 -10.29 -24.45
C TRP B 271 37.50 -10.63 -24.54
N CYS B 272 37.22 -11.91 -24.65
CA CYS B 272 35.82 -12.37 -24.65
C CYS B 272 35.09 -12.20 -23.31
N ASP B 273 35.85 -12.15 -22.21
CA ASP B 273 35.36 -12.39 -20.87
C ASP B 273 35.54 -11.11 -20.06
N ARG B 274 34.41 -10.47 -19.72
CA ARG B 274 34.39 -9.08 -19.28
C ARG B 274 33.46 -8.87 -18.08
N ILE B 275 33.79 -7.83 -17.27
CA ILE B 275 32.94 -7.36 -16.18
C ILE B 275 32.73 -5.85 -16.36
N LEU B 276 31.47 -5.45 -16.47
CA LEU B 276 31.08 -4.04 -16.52
C LEU B 276 30.05 -3.72 -15.44
N TRP B 277 29.94 -2.43 -15.11
CA TRP B 277 28.93 -1.99 -14.14
C TRP B 277 28.30 -0.66 -14.52
N LYS B 278 27.05 -0.49 -14.13
CA LYS B 278 26.30 0.77 -14.27
C LYS B 278 25.73 1.12 -12.89
N SER B 279 26.22 2.22 -12.30
CA SER B 279 25.85 2.66 -10.97
C SER B 279 25.11 3.99 -11.07
N TYR B 280 24.13 4.22 -10.21
CA TYR B 280 23.51 5.53 -10.18
C TYR B 280 24.59 6.62 -9.92
N PRO B 281 24.38 7.83 -10.49
CA PRO B 281 25.35 8.91 -10.31
C PRO B 281 25.60 9.25 -8.84
N GLU B 282 26.85 9.55 -8.51
CA GLU B 282 27.29 10.03 -7.20
C GLU B 282 27.20 9.00 -6.06
N THR B 283 27.18 7.70 -6.42
CA THR B 283 27.28 6.59 -5.48
C THR B 283 28.75 6.23 -5.30
N HIS B 284 29.07 5.67 -4.13
CA HIS B 284 30.42 5.16 -3.85
C HIS B 284 30.56 3.75 -4.44
N ILE B 285 31.38 3.62 -5.48
CA ILE B 285 31.82 2.34 -6.00
C ILE B 285 33.28 2.49 -6.48
N ILE B 286 34.15 1.59 -6.03
CA ILE B 286 35.57 1.59 -6.38
C ILE B 286 35.96 0.17 -6.74
N CYS B 287 36.56 0.01 -7.92
CA CYS B 287 37.08 -1.28 -8.39
C CYS B 287 38.51 -1.49 -7.84
N ASN B 288 38.67 -2.52 -7.02
CA ASN B 288 39.95 -2.84 -6.35
C ASN B 288 40.71 -3.98 -7.03
N SER B 289 40.07 -4.75 -7.89
CA SER B 289 40.82 -5.69 -8.75
C SER B 289 40.04 -5.92 -10.03
N TYR B 290 40.79 -6.19 -11.09
CA TYR B 290 40.24 -6.63 -12.37
C TYR B 290 41.36 -7.32 -13.15
N GLY B 291 41.22 -8.62 -13.31
CA GLY B 291 42.32 -9.43 -13.86
C GLY B 291 41.88 -10.84 -14.17
N CYS B 292 42.85 -11.67 -14.57
CA CYS B 292 42.60 -13.05 -14.91
C CYS B 292 43.62 -13.92 -14.19
N THR B 293 43.25 -15.19 -13.97
CA THR B 293 44.18 -16.15 -13.41
C THR B 293 45.11 -16.67 -14.50
N ASP B 294 46.22 -17.28 -14.08
CA ASP B 294 47.11 -17.97 -15.04
C ASP B 294 47.41 -19.41 -14.67
N ASP B 295 46.73 -19.95 -13.65
CA ASP B 295 47.03 -21.29 -13.11
C ASP B 295 45.79 -22.20 -13.11
N ILE B 296 44.77 -21.82 -13.89
CA ILE B 296 43.55 -22.60 -14.04
C ILE B 296 43.40 -22.86 -15.54
N VAL B 297 43.57 -24.12 -15.94
CA VAL B 297 43.88 -24.43 -17.34
C VAL B 297 43.01 -25.51 -18.00
N THR B 298 41.89 -25.84 -17.38
CA THR B 298 41.04 -26.90 -17.87
C THR B 298 40.21 -26.50 -19.09
N SER B 299 39.99 -25.20 -19.26
CA SER B 299 39.18 -24.63 -20.31
C SER B 299 40.06 -23.88 -21.27
N ASP B 300 39.53 -23.58 -22.45
CA ASP B 300 40.22 -22.67 -23.38
C ASP B 300 40.06 -21.17 -23.04
N HIS B 301 39.34 -20.83 -21.97
CA HIS B 301 39.29 -19.46 -21.44
C HIS B 301 40.00 -19.42 -20.09
N SER B 302 40.59 -18.28 -19.76
CA SER B 302 41.00 -18.05 -18.38
C SER B 302 39.86 -17.39 -17.58
N PRO B 303 39.66 -17.80 -16.32
CA PRO B 303 38.75 -17.07 -15.42
C PRO B 303 39.15 -15.60 -15.22
N VAL B 304 38.13 -14.74 -15.11
CA VAL B 304 38.31 -13.31 -14.89
C VAL B 304 37.70 -12.96 -13.52
N PHE B 305 38.37 -12.11 -12.75
CA PHE B 305 37.87 -11.63 -11.46
C PHE B 305 37.77 -10.11 -11.44
N GLY B 306 36.84 -9.63 -10.62
CA GLY B 306 36.69 -8.21 -10.32
C GLY B 306 36.19 -8.05 -8.88
N THR B 307 36.78 -7.10 -8.14
CA THR B 307 36.26 -6.78 -6.80
C THR B 307 35.99 -5.30 -6.66
N PHE B 308 34.95 -5.01 -5.87
CA PHE B 308 34.39 -3.68 -5.73
C PHE B 308 34.09 -3.35 -4.28
N GLU B 309 34.43 -2.13 -3.86
CA GLU B 309 34.00 -1.61 -2.57
C GLU B 309 32.76 -0.78 -2.90
N VAL B 310 31.62 -1.10 -2.28
CA VAL B 310 30.35 -0.47 -2.63
C VAL B 310 29.65 0.10 -1.41
N GLY B 311 29.27 1.38 -1.49
CA GLY B 311 28.51 2.04 -0.44
C GLY B 311 27.13 1.42 -0.28
N VAL B 312 26.70 1.32 0.97
CA VAL B 312 25.42 0.71 1.30
C VAL B 312 24.68 1.60 2.31
N THR B 313 23.37 1.82 2.09
CA THR B 313 22.52 2.67 2.95
C THR B 313 21.83 1.74 3.96
N SER B 314 21.71 2.19 5.22
CA SER B 314 20.96 1.45 6.24
C SER B 314 19.69 2.24 6.56
N GLN B 328 10.78 19.06 7.15
CA GLN B 328 10.49 18.79 5.73
C GLN B 328 11.49 19.43 4.77
N ALA B 329 11.95 18.63 3.80
CA ALA B 329 12.83 19.09 2.73
C ALA B 329 12.00 19.27 1.46
N TYR B 330 12.53 20.06 0.52
CA TYR B 330 11.82 20.34 -0.73
C TYR B 330 12.78 20.28 -1.90
N ILE B 331 12.32 19.63 -2.98
CA ILE B 331 13.06 19.61 -4.23
C ILE B 331 12.36 20.55 -5.21
N GLU B 332 13.10 21.58 -5.64
CA GLU B 332 12.60 22.65 -6.52
C GLU B 332 13.39 22.78 -7.82
N PHE B 333 12.71 23.08 -8.92
CA PHE B 333 13.33 23.24 -10.23
C PHE B 333 13.11 24.65 -10.77
N GLU B 334 14.16 25.24 -11.34
CA GLU B 334 14.03 26.50 -12.10
C GLU B 334 13.56 26.26 -13.53
N SER B 335 14.01 25.16 -14.14
CA SER B 335 13.67 24.85 -15.53
C SER B 335 14.16 23.47 -15.89
N ILE B 336 13.61 22.91 -16.96
CA ILE B 336 14.10 21.68 -17.58
C ILE B 336 13.96 21.84 -19.11
N GLU B 337 14.91 21.27 -19.86
CA GLU B 337 14.88 21.26 -21.33
C GLU B 337 15.23 19.88 -21.81
N ALA B 338 14.61 19.45 -22.90
CA ALA B 338 14.93 18.17 -23.53
C ALA B 338 14.87 18.24 -25.05
N ILE B 339 15.70 17.42 -25.71
CA ILE B 339 15.58 17.17 -27.12
C ILE B 339 15.11 15.72 -27.26
N VAL B 340 14.05 15.53 -28.01
CA VAL B 340 13.40 14.24 -28.15
C VAL B 340 13.18 13.99 -29.65
N LYS B 341 13.07 12.72 -30.05
CA LYS B 341 12.79 12.38 -31.46
C LYS B 341 11.30 12.54 -31.80
N THR B 342 11.00 13.44 -32.74
CA THR B 342 9.64 13.83 -33.13
C THR B 342 8.58 13.66 -32.02
N THR B 346 2.93 18.22 -30.93
CA THR B 346 2.28 17.88 -29.67
C THR B 346 3.20 18.13 -28.46
N LYS B 347 2.57 18.17 -27.30
CA LYS B 347 3.24 18.57 -26.06
C LYS B 347 3.76 17.33 -25.28
N PHE B 348 4.63 17.61 -24.31
CA PHE B 348 5.28 16.59 -23.48
C PHE B 348 5.27 16.99 -22.01
N PHE B 349 5.35 15.99 -21.14
CA PHE B 349 5.47 16.21 -19.70
C PHE B 349 6.47 15.24 -19.07
N ILE B 350 6.82 15.52 -17.82
CA ILE B 350 7.79 14.76 -17.06
C ILE B 350 7.13 14.13 -15.85
N GLU B 351 7.40 12.84 -15.63
CA GLU B 351 7.05 12.16 -14.37
C GLU B 351 8.29 12.03 -13.51
N PHE B 352 8.15 12.19 -12.19
CA PHE B 352 9.26 12.15 -11.24
C PHE B 352 9.03 11.04 -10.22
N TYR B 353 9.92 10.05 -10.20
CA TYR B 353 9.79 8.87 -9.34
C TYR B 353 11.01 8.71 -8.41
N SER B 354 10.77 8.33 -7.16
CA SER B 354 11.84 7.91 -6.26
C SER B 354 11.25 7.23 -5.03
N THR B 355 11.96 6.25 -4.48
CA THR B 355 11.58 5.67 -3.19
C THR B 355 11.69 6.65 -2.01
N CYS B 356 12.39 7.77 -2.20
CA CYS B 356 12.46 8.82 -1.19
C CYS B 356 11.23 9.77 -1.11
N LEU B 357 10.32 9.69 -2.07
CA LEU B 357 9.25 10.69 -2.16
C LEU B 357 8.00 10.25 -1.43
N GLU B 358 7.37 11.20 -0.74
CA GLU B 358 6.04 11.02 -0.20
C GLU B 358 5.04 10.79 -1.35
N GLU B 359 5.14 11.61 -2.41
CA GLU B 359 4.29 11.48 -3.60
C GLU B 359 5.14 11.42 -4.88
N TYR B 360 4.77 10.53 -5.80
CA TYR B 360 5.25 10.58 -7.20
C TYR B 360 4.46 11.69 -7.90
N LYS B 361 5.18 12.61 -8.56
CA LYS B 361 4.56 13.79 -9.15
C LYS B 361 4.80 13.90 -10.65
N LYS B 362 4.00 14.76 -11.29
CA LYS B 362 4.25 15.10 -12.70
C LYS B 362 4.31 16.60 -12.92
N SER B 363 4.85 16.99 -14.08
CA SER B 363 4.84 18.39 -14.52
C SER B 363 3.59 18.66 -15.34
N PHE B 364 3.34 19.95 -15.58
CA PHE B 364 2.44 20.43 -16.64
C PHE B 364 3.12 20.27 -18.01
N GLU B 365 2.39 20.58 -19.08
CA GLU B 365 2.94 20.60 -20.44
C GLU B 365 4.15 21.51 -20.53
N ASN B 366 5.04 21.20 -21.48
CA ASN B 366 6.08 22.12 -21.88
C ASN B 366 5.42 23.43 -22.35
N ASP B 367 6.02 24.56 -21.98
CA ASP B 367 5.43 25.86 -22.33
C ASP B 367 6.21 26.59 -23.41
N ALA B 368 7.26 25.94 -23.95
CA ALA B 368 7.95 26.42 -25.15
C ALA B 368 8.50 25.24 -25.95
N GLN B 369 8.61 25.44 -27.26
CA GLN B 369 9.07 24.41 -28.22
C GLN B 369 9.85 25.08 -29.35
N SER B 370 10.81 24.37 -29.94
CA SER B 370 11.51 24.84 -31.15
C SER B 370 12.24 23.68 -31.83
N SER B 371 12.53 23.82 -33.14
CA SER B 371 13.17 22.73 -33.90
C SER B 371 13.83 23.19 -35.20
N ASP B 372 14.98 22.60 -35.52
CA ASP B 372 15.64 22.75 -36.82
C ASP B 372 15.86 21.45 -37.60
N ASN B 373 15.61 20.30 -36.98
CA ASN B 373 15.90 19.00 -37.62
C ASN B 373 14.64 18.21 -38.04
N ILE B 374 13.45 18.84 -37.99
CA ILE B 374 12.18 18.25 -38.48
C ILE B 374 11.71 16.98 -37.71
N ASN B 375 12.50 15.91 -37.78
CA ASN B 375 12.29 14.68 -37.00
C ASN B 375 12.70 14.78 -35.51
N PHE B 376 13.16 15.96 -35.06
CA PHE B 376 13.53 16.21 -33.66
C PHE B 376 12.84 17.47 -33.15
N LEU B 377 12.74 17.56 -31.82
CA LEU B 377 12.02 18.65 -31.14
C LEU B 377 12.69 18.99 -29.82
N LYS B 378 13.03 20.27 -29.64
CA LYS B 378 13.41 20.80 -28.34
C LYS B 378 12.13 21.23 -27.61
N VAL B 379 12.00 20.80 -26.36
CA VAL B 379 10.87 21.14 -25.49
C VAL B 379 11.40 21.74 -24.19
N GLN B 380 10.72 22.76 -23.65
CA GLN B 380 11.15 23.46 -22.43
C GLN B 380 10.01 23.63 -21.41
N TRP B 381 10.33 23.39 -20.14
CA TRP B 381 9.44 23.67 -19.00
C TRP B 381 10.05 24.75 -18.11
N SER B 382 9.39 25.90 -17.99
CA SER B 382 9.82 26.95 -17.05
C SER B 382 9.36 26.56 -15.65
N SER B 383 9.82 27.29 -14.64
CA SER B 383 9.57 26.87 -13.25
C SER B 383 8.08 26.76 -12.89
N ARG B 384 7.24 27.61 -13.47
CA ARG B 384 5.79 27.53 -13.22
C ARG B 384 5.13 26.23 -13.70
N GLN B 385 5.73 25.54 -14.67
CA GLN B 385 5.23 24.26 -15.16
C GLN B 385 5.65 23.04 -14.31
N LEU B 386 6.53 23.23 -13.32
CA LEU B 386 7.21 22.11 -12.65
C LEU B 386 6.77 21.99 -11.20
N PRO B 387 6.74 20.75 -10.65
CA PRO B 387 6.24 20.53 -9.30
C PRO B 387 7.31 20.70 -8.20
N THR B 388 6.84 20.80 -6.97
CA THR B 388 7.69 20.70 -5.79
C THR B 388 7.59 19.28 -5.25
N LEU B 389 8.73 18.59 -5.11
CA LEU B 389 8.74 17.22 -4.60
C LEU B 389 9.13 17.28 -3.14
N LYS B 390 8.64 16.29 -2.38
CA LYS B 390 8.75 16.26 -0.93
C LYS B 390 9.32 14.93 -0.42
N PRO B 391 10.64 14.89 -0.14
CA PRO B 391 11.25 13.68 0.41
C PRO B 391 10.67 13.30 1.77
N ILE B 392 10.71 12.00 2.09
CA ILE B 392 10.16 11.46 3.36
C ILE B 392 10.88 11.99 4.60
N LEU B 393 12.20 12.12 4.52
CA LEU B 393 13.00 12.62 5.62
C LEU B 393 13.83 13.79 5.14
N ALA B 394 14.12 14.69 6.08
CA ALA B 394 14.84 15.94 5.81
C ALA B 394 16.34 15.88 6.13
N ASP B 395 16.81 14.76 6.66
CA ASP B 395 18.21 14.64 7.07
C ASP B 395 19.16 14.65 5.85
N ILE B 396 20.22 15.47 5.91
CA ILE B 396 21.22 15.50 4.83
C ILE B 396 21.82 14.12 4.57
N GLU B 397 22.12 13.38 5.63
CA GLU B 397 22.63 12.01 5.51
C GLU B 397 21.73 11.12 4.68
N TYR B 398 20.43 11.19 4.92
CA TYR B 398 19.46 10.46 4.13
C TYR B 398 19.45 10.98 2.68
N LEU B 399 19.23 12.29 2.51
CA LEU B 399 19.03 12.90 1.19
C LEU B 399 20.17 12.73 0.19
N GLN B 400 21.42 12.80 0.66
CA GLN B 400 22.57 12.66 -0.23
C GLN B 400 22.69 11.27 -0.85
N ASP B 401 21.93 10.28 -0.36
CA ASP B 401 21.97 8.91 -0.91
C ASP B 401 20.80 8.63 -1.85
N GLN B 402 20.01 9.66 -2.17
CA GLN B 402 18.82 9.45 -2.99
C GLN B 402 18.97 9.94 -4.42
N HIS B 403 18.07 9.45 -5.25
CA HIS B 403 18.09 9.66 -6.69
C HIS B 403 16.66 9.82 -7.20
N LEU B 404 16.48 10.67 -8.21
CA LEU B 404 15.19 10.75 -8.92
C LEU B 404 15.26 10.06 -10.27
N LEU B 405 14.20 9.36 -10.65
CA LEU B 405 14.04 8.89 -12.02
C LEU B 405 13.08 9.86 -12.72
N LEU B 406 13.54 10.45 -13.82
CA LEU B 406 12.73 11.34 -14.63
C LEU B 406 12.40 10.62 -15.93
N THR B 407 11.14 10.71 -16.35
CA THR B 407 10.69 10.12 -17.59
C THR B 407 9.89 11.15 -18.42
N VAL B 408 10.26 11.30 -19.70
CA VAL B 408 9.60 12.26 -20.60
C VAL B 408 8.54 11.53 -21.41
N LYS B 409 7.29 11.97 -21.29
CA LYS B 409 6.19 11.35 -22.01
C LYS B 409 5.40 12.35 -22.85
N SER B 410 4.84 11.87 -23.95
CA SER B 410 3.96 12.69 -24.81
C SER B 410 2.57 12.77 -24.21
N MET B 411 1.92 13.90 -24.41
CA MET B 411 0.50 14.05 -24.03
C MET B 411 -0.42 13.12 -24.82
N ASP B 412 -0.05 12.82 -26.07
CA ASP B 412 -0.80 11.89 -26.91
C ASP B 412 -0.27 10.48 -26.67
N GLY B 413 -0.99 9.71 -25.85
CA GLY B 413 -0.70 8.29 -25.61
C GLY B 413 0.19 7.94 -24.41
N TYR B 414 0.75 8.94 -23.75
CA TYR B 414 1.62 8.76 -22.57
C TYR B 414 2.74 7.71 -22.76
N GLU B 415 3.35 7.68 -23.95
CA GLU B 415 4.47 6.76 -24.21
C GLU B 415 5.75 7.45 -23.75
N SER B 416 6.70 6.67 -23.27
CA SER B 416 7.98 7.23 -22.80
C SER B 416 8.93 7.45 -23.97
N TYR B 417 9.47 8.65 -24.06
CA TYR B 417 10.49 9.00 -25.05
C TYR B 417 11.91 9.03 -24.45
N GLY B 418 12.06 8.57 -23.21
CA GLY B 418 13.36 8.66 -22.55
C GLY B 418 13.31 8.83 -21.05
N GLU B 419 14.29 8.22 -20.37
CA GLU B 419 14.51 8.34 -18.94
C GLU B 419 15.96 8.66 -18.60
N CYS B 420 16.14 9.24 -17.42
CA CYS B 420 17.46 9.40 -16.81
C CYS B 420 17.33 9.38 -15.29
N VAL B 421 18.46 9.24 -14.61
CA VAL B 421 18.50 9.22 -13.15
C VAL B 421 19.30 10.43 -12.73
N VAL B 422 18.82 11.15 -11.71
CA VAL B 422 19.46 12.40 -11.23
C VAL B 422 19.74 12.25 -9.74
N ALA B 423 20.99 12.46 -9.33
CA ALA B 423 21.38 12.34 -7.92
C ALA B 423 21.00 13.60 -7.15
N LEU B 424 20.55 13.44 -5.90
CA LEU B 424 20.32 14.57 -4.99
C LEU B 424 21.61 15.16 -4.42
N LYS B 425 22.63 14.33 -4.22
CA LYS B 425 23.82 14.70 -3.42
C LYS B 425 24.41 16.09 -3.71
N SER B 426 24.70 16.38 -4.97
CA SER B 426 25.31 17.66 -5.38
C SER B 426 24.32 18.82 -5.61
N MET B 427 23.02 18.56 -5.39
CA MET B 427 21.95 19.55 -5.57
C MET B 427 21.50 20.19 -4.25
N ILE B 428 22.09 19.77 -3.14
CA ILE B 428 21.67 20.21 -1.79
C ILE B 428 22.22 21.60 -1.51
N GLY B 429 21.35 22.62 -1.44
CA GLY B 429 21.77 24.01 -1.16
C GLY B 429 20.74 25.05 -1.55
N SER B 430 21.13 26.32 -1.43
CA SER B 430 20.22 27.46 -1.67
C SER B 430 20.15 27.88 -3.14
N THR B 431 21.23 27.66 -3.88
CA THR B 431 21.31 28.04 -5.29
C THR B 431 21.13 26.80 -6.16
N ALA B 432 20.35 26.97 -7.23
CA ALA B 432 20.09 25.91 -8.18
C ALA B 432 21.37 25.53 -8.92
N GLN B 433 21.58 24.22 -9.09
CA GLN B 433 22.71 23.68 -9.86
C GLN B 433 22.20 22.96 -11.10
N GLN B 434 23.07 22.85 -12.10
CA GLN B 434 22.69 22.29 -13.40
C GLN B 434 22.99 20.80 -13.51
N PHE B 435 22.12 20.07 -14.23
CA PHE B 435 22.41 18.67 -14.62
C PHE B 435 22.20 18.51 -16.13
N LEU B 436 22.91 17.56 -16.73
CA LEU B 436 22.81 17.27 -18.18
C LEU B 436 23.10 15.80 -18.40
N THR B 437 22.33 15.17 -19.27
CA THR B 437 22.54 13.76 -19.58
C THR B 437 21.76 13.40 -20.84
N PHE B 438 22.09 12.26 -21.43
CA PHE B 438 21.25 11.78 -22.50
C PHE B 438 20.05 11.05 -21.87
N LEU B 439 19.07 10.79 -22.72
CA LEU B 439 17.88 10.06 -22.36
C LEU B 439 18.00 8.69 -23.00
N SER B 440 17.55 7.67 -22.28
CA SER B 440 17.57 6.33 -22.80
C SER B 440 16.19 5.72 -22.68
N HIS B 441 15.86 4.80 -23.59
CA HIS B 441 14.63 4.03 -23.52
C HIS B 441 14.87 2.71 -24.24
N ARG B 442 14.70 1.61 -23.50
CA ARG B 442 14.85 0.26 -24.02
C ARG B 442 16.21 0.02 -24.68
N GLY B 443 17.25 0.61 -24.12
CA GLY B 443 18.61 0.44 -24.65
C GLY B 443 19.01 1.37 -25.78
N GLU B 444 18.11 2.24 -26.22
CA GLU B 444 18.43 3.18 -27.29
C GLU B 444 18.58 4.56 -26.72
N GLU B 445 19.56 5.30 -27.22
CA GLU B 445 19.71 6.71 -26.89
C GLU B 445 18.66 7.50 -27.68
N THR B 446 17.71 8.09 -26.95
CA THR B 446 16.51 8.70 -27.56
C THR B 446 16.51 10.21 -27.57
N GLY B 447 17.53 10.82 -26.97
CA GLY B 447 17.62 12.28 -26.92
C GLY B 447 18.50 12.72 -25.78
N ASN B 448 18.30 13.95 -25.32
CA ASN B 448 18.98 14.45 -24.15
C ASN B 448 18.10 15.38 -23.34
N ILE B 449 18.54 15.61 -22.11
CA ILE B 449 17.76 16.38 -21.14
C ILE B 449 18.71 17.16 -20.27
N ARG B 450 18.24 18.32 -19.82
CA ARG B 450 19.03 19.29 -19.07
C ARG B 450 18.07 20.01 -18.14
N GLY B 451 18.58 20.53 -17.04
CA GLY B 451 17.75 21.31 -16.14
C GLY B 451 18.54 21.91 -15.02
N SER B 452 17.82 22.64 -14.17
CA SER B 452 18.37 23.39 -13.06
C SER B 452 17.52 23.17 -11.80
N MET B 453 18.14 22.74 -10.70
CA MET B 453 17.39 22.32 -9.51
C MET B 453 18.13 22.49 -8.20
N LYS B 454 17.38 22.50 -7.11
CA LYS B 454 17.95 22.61 -5.78
C LYS B 454 17.13 21.81 -4.76
N VAL B 455 17.80 21.30 -3.73
CA VAL B 455 17.15 20.63 -2.61
C VAL B 455 17.31 21.51 -1.37
N ARG B 456 16.18 21.96 -0.82
CA ARG B 456 16.15 22.83 0.34
C ARG B 456 15.96 21.99 1.59
N VAL B 457 16.83 22.20 2.58
CA VAL B 457 16.78 21.48 3.84
C VAL B 457 16.73 22.50 4.98
N PRO B 458 16.32 22.07 6.19
CA PRO B 458 16.35 22.94 7.37
C PRO B 458 17.60 22.70 8.22
C1 EDO C . -6.93 -20.92 4.07
O1 EDO C . -6.73 -19.52 3.91
C2 EDO C . -5.68 -21.70 3.70
O2 EDO C . -4.51 -21.28 4.37
C1 EDO D . -12.23 -0.37 17.09
O1 EDO D . -12.91 -0.78 18.29
C2 EDO D . -11.92 -1.59 16.23
O2 EDO D . -13.09 -2.38 16.04
C1 EDO E . -33.12 24.44 2.45
O1 EDO E . -33.25 24.96 3.76
C2 EDO E . -32.17 25.34 1.67
O2 EDO E . -31.01 25.59 2.48
C1 EDO F . -14.25 4.60 8.61
O1 EDO F . -14.88 3.77 7.63
C2 EDO F . -14.17 6.01 8.08
O2 EDO F . -15.47 6.62 7.92
C1 EDO G . 15.77 -6.41 -5.92
O1 EDO G . 15.06 -7.39 -6.71
C2 EDO G . 15.41 -4.99 -6.28
O2 EDO G . 14.01 -4.84 -6.60
C1 B3P H . 50.82 -9.90 -10.21
C2 B3P H . 51.15 -8.78 -9.25
C3 B3P H . 51.70 -11.15 -9.96
N1 B3P H . 51.39 -12.14 -11.01
C4 B3P H . 52.01 -13.49 -10.91
C5 B3P H . 51.49 -14.25 -9.69
C6 B3P H . 51.62 -14.25 -12.21
C7 B3P H . 53.56 -13.41 -10.83
N2 B3P H . 50.08 -7.74 -9.33
C8 B3P H . 50.36 -6.45 -8.70
C9 B3P H . 51.35 -5.63 -9.58
C10 B3P H . 49.03 -5.65 -8.54
C11 B3P H . 50.93 -6.62 -7.28
O1 B3P H . 51.66 -4.38 -8.98
O2 B3P H . 48.24 -5.66 -9.75
O3 B3P H . 50.15 -7.59 -6.56
O4 B3P H . 50.07 -14.26 -9.71
O5 B3P H . 51.98 -15.63 -12.17
O6 B3P H . 54.06 -12.37 -11.67
#